data_8S6M
#
_entry.id   8S6M
#
_cell.length_a   148.175
_cell.length_b   48.099
_cell.length_c   166.526
_cell.angle_alpha   90.000
_cell.angle_beta   90.000
_cell.angle_gamma   90.000
#
_symmetry.space_group_name_H-M   'P 21 21 21'
#
loop_
_entity.id
_entity.type
_entity.pdbx_description
1 polymer 'S2V29 Fab heavy chain'
2 polymer 'Spike protein S1'
3 polymer 'S2H97 Fab heavy chain'
4 polymer 'S2V29 Fab light chain'
5 polymer 'S2H97 Fab light chain'
6 non-polymer 1,2-ETHANEDIOL
7 non-polymer 2-acetamido-2-deoxy-beta-D-glucopyranose
8 non-polymer 'NICKEL (II) ION'
9 non-polymer 2-AMINO-2-HYDROXYMETHYL-PROPANE-1,3-DIOL
10 water water
#
loop_
_entity_poly.entity_id
_entity_poly.type
_entity_poly.pdbx_seq_one_letter_code
_entity_poly.pdbx_strand_id
1 'polypeptide(L)'
;EVQLVESGGSVVQPGRALRLSCAASGITFSSFGMYWVRQAPGKGLEWLGVIAYDGSNTYYADSVKGRFTISRDNSKNTLY
LQMNSLRIEDTAVYYCAKDYYPLLSYYYGLDVWGQGTTVTVSSASTKGPSVFPLAPSSKSTSGGTAALGCLVKDYFPEPV
TVSWNSGALTSGVHTFPAVLQSSGLYSLSSVVTVPSSSLGTQTYICNVNHKPSNTKVDKKVEPKSC
;
H
2 'polypeptide(L)'
;MEWSWVFLFFLSVTTGVHSRFPNITNLCPFDEVFNATTFASVYAWNRKRISNCVADYSVLYNFAPFFAFKCYGVSPTKLN
DLCFTNVYADSFVIRGNEVSQIAPGQTGNIADYNYKLPDDFTGCVIAWNSNKLDSTVGGNYNYRYRLFRKSKLKPFERDI
STEIYQAGNKPCNGVAGVNCYFPLQSYGFRPTYGVGHQPYRVVVLSFELLHAPATVCGPKKSTGSLVPRGSSAWSHPQFE
KGGGSGGGSGGSAWSHPQFEKHHHHHHHH
;
R
3 'polypeptide(L)'
;QVRLVQSGAEVKKSGESLKISCKGSGYSFTSYWIGWVRQMPGKGLEWMGIIYPGDSDTRYSPSFQGQVTISADKSISTVY
LQWSSLKASDTAMYYCARQWSHYTYDYYYWGQGTLVTISSASTKGPSVFPLAPSSKSTSGGTAALGCLVKDYFPEPVTVS
WNSGALTSGVHTFPAVLQSSGLYSLSSVVTVPSSSLGTQTYICNVNHKPSNTKVDKKVEPKSC
;
I
4 'polypeptide(L)'
;(PCA)SVLTQPRSVSGSPGQSVTISCTGTSSDVGAYNYVSWYQQHPGKAPKFMIYDVDQRPSGVPDRFSGSKSGNTASLI
ISGLQAEDEADYYCSSYAGSYIWVFGGGTQLTVLGQPKAAPSVTLFPPSSEELQANKATLVCLISDFYPGAVTVAWKADS
SPVKAGVETTTPSKQSNNKYAASSYLSLTPEQWKSHRSYSCQVTHEGSTVEKTVAPTECS
;
L
5 'polypeptide(L)'
;QSVLTQPASVSGSPGQSITISCTGISSDVGGYNSVSWYQQHPGKAPKLMIYDVTNRPSGVSNRFSGSKSGNTASLTISGL
QAEDEADYYCSSYTSSSTPPYVFGTGTKVSVLGQPKAAPSVTLFPPSSEELQANKATLVCLISDFYPGAVTVAWKADSSP
VKAGVETTTPSKQSNNKYAASSYLSLTPEQWKSHRSYSCQVTHEGSTVEKTVAPTECS
;
M
#
# COMPACT_ATOMS: atom_id res chain seq x y z
N GLU A 1 -13.60 20.98 -8.24
CA GLU A 1 -14.47 19.93 -8.74
C GLU A 1 -13.75 18.99 -9.72
N VAL A 2 -13.23 17.86 -9.23
CA VAL A 2 -12.66 16.89 -10.17
C VAL A 2 -13.78 16.40 -11.08
N GLN A 3 -13.49 16.33 -12.38
CA GLN A 3 -14.40 15.76 -13.35
C GLN A 3 -13.82 14.42 -13.80
N LEU A 4 -14.65 13.39 -13.82
CA LEU A 4 -14.26 12.08 -14.25
C LEU A 4 -14.94 11.80 -15.57
N VAL A 5 -14.20 11.33 -16.57
CA VAL A 5 -14.77 11.09 -17.90
C VAL A 5 -14.40 9.69 -18.34
N GLU A 6 -15.39 8.80 -18.40
CA GLU A 6 -15.14 7.45 -18.90
C GLU A 6 -15.18 7.46 -20.41
N SER A 7 -14.38 6.57 -21.00
CA SER A 7 -14.44 6.40 -22.44
C SER A 7 -14.12 4.96 -22.75
N GLY A 8 -14.36 4.57 -24.00
CA GLY A 8 -14.06 3.25 -24.49
C GLY A 8 -15.27 2.35 -24.68
N GLY A 9 -16.44 2.74 -24.18
CA GLY A 9 -17.61 1.91 -24.37
C GLY A 9 -17.90 1.72 -25.85
N SER A 10 -18.30 0.51 -26.20
CA SER A 10 -18.64 0.22 -27.59
CA SER A 10 -18.57 0.18 -27.59
C SER A 10 -19.43 -1.08 -27.62
N VAL A 11 -19.84 -1.45 -28.82
CA VAL A 11 -20.43 -2.76 -29.05
C VAL A 11 -19.29 -3.76 -29.20
N VAL A 12 -19.38 -4.88 -28.51
CA VAL A 12 -18.31 -5.89 -28.53
C VAL A 12 -18.96 -7.26 -28.50
N GLN A 13 -18.37 -8.20 -29.20
CA GLN A 13 -18.89 -9.55 -29.22
C GLN A 13 -18.51 -10.31 -27.96
N PRO A 14 -19.38 -11.19 -27.47
CA PRO A 14 -19.00 -12.08 -26.37
C PRO A 14 -17.69 -12.79 -26.68
N GLY A 15 -16.85 -12.94 -25.65
CA GLY A 15 -15.57 -13.59 -25.79
C GLY A 15 -14.43 -12.65 -26.10
N ARG A 16 -14.73 -11.44 -26.60
CA ARG A 16 -13.72 -10.47 -26.95
C ARG A 16 -13.40 -9.60 -25.72
N ALA A 17 -12.43 -8.70 -25.89
CA ALA A 17 -11.94 -7.87 -24.81
C ALA A 17 -12.19 -6.41 -25.13
N LEU A 18 -12.23 -5.60 -24.07
CA LEU A 18 -12.45 -4.17 -24.22
C LEU A 18 -11.77 -3.46 -23.07
N ARG A 19 -11.09 -2.35 -23.37
CA ARG A 19 -10.46 -1.53 -22.34
C ARG A 19 -11.23 -0.22 -22.18
N LEU A 20 -11.69 0.04 -20.96
CA LEU A 20 -12.30 1.32 -20.63
C LEU A 20 -11.26 2.18 -19.94
N SER A 21 -11.41 3.48 -20.10
CA SER A 21 -10.52 4.43 -19.45
CA SER A 21 -10.52 4.41 -19.43
C SER A 21 -11.38 5.43 -18.71
N CYS A 22 -10.81 6.01 -17.68
CA CYS A 22 -11.50 7.03 -16.92
C CYS A 22 -10.48 8.12 -16.64
N ALA A 23 -10.64 9.29 -17.27
CA ALA A 23 -9.68 10.37 -17.13
C ALA A 23 -10.20 11.39 -16.13
N ALA A 24 -9.33 11.81 -15.22
CA ALA A 24 -9.69 12.76 -14.18
C ALA A 24 -9.04 14.10 -14.51
N SER A 25 -9.81 15.17 -14.35
CA SER A 25 -9.25 16.50 -14.56
C SER A 25 -8.41 16.90 -13.35
N GLY A 26 -7.69 18.02 -13.50
CA GLY A 26 -6.89 18.52 -12.39
C GLY A 26 -5.77 17.55 -12.00
N ILE A 27 -5.34 17.64 -10.75
CA ILE A 27 -4.23 16.83 -10.28
C ILE A 27 -4.59 15.94 -9.10
N THR A 28 -5.84 15.90 -8.65
CA THR A 28 -6.10 15.19 -7.42
C THR A 28 -6.14 13.68 -7.58
N PHE A 29 -6.13 13.18 -8.82
CA PHE A 29 -6.33 11.75 -9.08
C PHE A 29 -5.43 10.85 -8.24
N SER A 30 -4.13 11.14 -8.21
CA SER A 30 -3.15 10.30 -7.52
CA SER A 30 -3.19 10.26 -7.53
C SER A 30 -3.39 10.20 -6.03
N SER A 31 -4.22 11.07 -5.46
CA SER A 31 -4.51 11.04 -4.03
C SER A 31 -5.67 10.12 -3.66
N PHE A 32 -6.40 9.54 -4.63
CA PHE A 32 -7.66 8.87 -4.31
C PHE A 32 -7.74 7.44 -4.79
N GLY A 33 -8.28 6.57 -3.93
CA GLY A 33 -8.76 5.29 -4.41
C GLY A 33 -9.83 5.51 -5.46
N MET A 34 -9.84 4.66 -6.47
CA MET A 34 -10.72 4.82 -7.61
C MET A 34 -11.45 3.51 -7.85
N TYR A 35 -12.69 3.63 -8.31
CA TYR A 35 -13.64 2.52 -8.32
C TYR A 35 -14.26 2.42 -9.70
N TRP A 36 -14.65 1.19 -10.05
CA TRP A 36 -15.54 0.93 -11.16
C TRP A 36 -16.84 0.35 -10.64
N VAL A 37 -17.95 0.85 -11.18
CA VAL A 37 -19.29 0.41 -10.85
C VAL A 37 -20.02 0.34 -12.18
N ARG A 38 -20.87 -0.67 -12.37
CA ARG A 38 -21.62 -0.68 -13.62
C ARG A 38 -23.11 -0.81 -13.35
N GLN A 39 -23.89 -0.62 -14.41
CA GLN A 39 -25.33 -0.65 -14.27
C GLN A 39 -25.92 -1.13 -15.58
N ALA A 40 -26.49 -2.33 -15.57
CA ALA A 40 -27.15 -2.84 -16.76
C ALA A 40 -28.42 -2.04 -17.01
N PRO A 41 -28.85 -1.93 -18.26
CA PRO A 41 -30.03 -1.13 -18.60
C PRO A 41 -31.24 -1.51 -17.78
N GLY A 42 -31.81 -0.52 -17.07
CA GLY A 42 -32.97 -0.77 -16.23
C GLY A 42 -32.71 -1.54 -14.96
N LYS A 43 -31.46 -1.81 -14.62
CA LYS A 43 -31.11 -2.65 -13.47
C LYS A 43 -30.31 -1.83 -12.47
N GLY A 44 -29.84 -2.52 -11.41
CA GLY A 44 -29.19 -1.82 -10.33
C GLY A 44 -27.70 -1.62 -10.53
N LEU A 45 -27.13 -0.84 -9.61
CA LEU A 45 -25.68 -0.66 -9.59
C LEU A 45 -25.01 -1.95 -9.17
N GLU A 46 -23.83 -2.20 -9.74
CA GLU A 46 -23.03 -3.36 -9.38
C GLU A 46 -21.60 -2.89 -9.15
N TRP A 47 -21.12 -3.07 -7.93
CA TRP A 47 -19.78 -2.67 -7.56
C TRP A 47 -18.80 -3.66 -8.18
N LEU A 48 -17.80 -3.16 -8.90
CA LEU A 48 -16.87 -4.04 -9.60
C LEU A 48 -15.50 -4.12 -8.95
N GLY A 49 -14.95 -3.00 -8.48
CA GLY A 49 -13.66 -3.10 -7.85
C GLY A 49 -13.10 -1.73 -7.53
N VAL A 50 -11.94 -1.76 -6.91
CA VAL A 50 -11.29 -0.55 -6.41
C VAL A 50 -9.79 -0.75 -6.54
N ILE A 51 -9.09 0.32 -6.90
CA ILE A 51 -7.64 0.31 -6.87
C ILE A 51 -7.18 1.42 -5.94
N ALA A 52 -6.26 1.08 -5.04
CA ALA A 52 -5.73 2.03 -4.08
C ALA A 52 -5.13 3.25 -4.79
N TYR A 53 -5.12 4.38 -4.08
CA TYR A 53 -4.62 5.62 -4.67
C TYR A 53 -3.23 5.45 -5.25
N ASP A 54 -2.39 4.64 -4.61
CA ASP A 54 -1.00 4.46 -5.02
C ASP A 54 -0.80 3.16 -5.80
N GLY A 55 -1.90 2.52 -6.21
CA GLY A 55 -1.77 1.25 -6.91
C GLY A 55 -1.28 0.09 -6.08
N SER A 56 -1.16 0.26 -4.75
CA SER A 56 -0.56 -0.78 -3.92
C SER A 56 -1.40 -2.05 -3.89
N ASN A 57 -2.72 -1.92 -4.02
CA ASN A 57 -3.61 -3.07 -3.98
C ASN A 57 -4.82 -2.80 -4.85
N THR A 58 -5.42 -3.87 -5.36
CA THR A 58 -6.62 -3.81 -6.16
C THR A 58 -7.55 -4.91 -5.70
N TYR A 59 -8.85 -4.61 -5.59
CA TYR A 59 -9.81 -5.57 -5.08
C TYR A 59 -10.97 -5.65 -6.05
N TYR A 60 -11.53 -6.84 -6.16
CA TYR A 60 -12.51 -7.14 -7.20
C TYR A 60 -13.71 -7.84 -6.62
N ALA A 61 -14.89 -7.44 -7.10
CA ALA A 61 -16.09 -8.24 -6.89
C ALA A 61 -15.92 -9.62 -7.54
N ASP A 62 -16.53 -10.62 -6.91
CA ASP A 62 -16.49 -11.98 -7.45
C ASP A 62 -17.02 -12.06 -8.89
N SER A 63 -17.96 -11.20 -9.27
CA SER A 63 -18.55 -11.29 -10.60
C SER A 63 -17.60 -10.91 -11.73
N VAL A 64 -16.45 -10.29 -11.43
CA VAL A 64 -15.51 -9.91 -12.49
C VAL A 64 -14.10 -10.42 -12.19
N LYS A 65 -13.90 -10.97 -11.00
CA LYS A 65 -12.58 -11.48 -10.65
C LYS A 65 -12.11 -12.52 -11.65
N GLY A 66 -10.84 -12.42 -12.06
CA GLY A 66 -10.29 -13.33 -13.05
C GLY A 66 -10.69 -13.03 -14.48
N ARG A 67 -11.56 -12.08 -14.70
CA ARG A 67 -11.91 -11.63 -16.04
C ARG A 67 -11.54 -10.19 -16.31
N PHE A 68 -11.76 -9.31 -15.35
CA PHE A 68 -11.48 -7.89 -15.53
C PHE A 68 -10.24 -7.54 -14.72
N THR A 69 -9.47 -6.57 -15.23
CA THR A 69 -8.30 -6.07 -14.51
C THR A 69 -8.41 -4.56 -14.38
N ILE A 70 -8.27 -4.08 -13.15
CA ILE A 70 -8.27 -2.65 -12.87
C ILE A 70 -6.83 -2.20 -12.75
N SER A 71 -6.49 -1.08 -13.38
CA SER A 71 -5.16 -0.51 -13.22
C SER A 71 -5.29 1.00 -13.28
N ARG A 72 -4.22 1.69 -12.94
CA ARG A 72 -4.24 3.14 -13.02
C ARG A 72 -2.87 3.61 -13.43
N ASP A 73 -2.85 4.74 -14.12
CA ASP A 73 -1.62 5.40 -14.51
C ASP A 73 -1.68 6.77 -13.86
N ASN A 74 -1.00 6.91 -12.71
CA ASN A 74 -1.06 8.21 -12.03
C ASN A 74 -0.32 9.28 -12.80
N SER A 75 0.57 8.93 -13.73
CA SER A 75 1.21 9.94 -14.55
C SER A 75 0.28 10.49 -15.62
N LYS A 76 -0.85 9.83 -15.87
CA LYS A 76 -1.83 10.26 -16.86
C LYS A 76 -3.17 10.62 -16.24
N ASN A 77 -3.30 10.56 -14.92
CA ASN A 77 -4.57 10.79 -14.23
C ASN A 77 -5.69 9.95 -14.84
N THR A 78 -5.39 8.68 -15.11
CA THR A 78 -6.30 7.80 -15.82
C THR A 78 -6.41 6.47 -15.12
N LEU A 79 -7.64 6.02 -14.96
CA LEU A 79 -7.99 4.73 -14.44
C LEU A 79 -8.42 3.85 -15.62
N TYR A 80 -8.10 2.55 -15.55
CA TYR A 80 -8.42 1.63 -16.63
C TYR A 80 -9.23 0.46 -16.11
N LEU A 81 -10.07 -0.07 -17.00
CA LEU A 81 -10.73 -1.35 -16.77
C LEU A 81 -10.49 -2.20 -18.00
N GLN A 82 -9.69 -3.25 -17.85
CA GLN A 82 -9.45 -4.17 -18.94
C GLN A 82 -10.46 -5.30 -18.79
N MET A 83 -11.40 -5.40 -19.73
CA MET A 83 -12.45 -6.40 -19.64
C MET A 83 -12.13 -7.52 -20.62
N ASN A 84 -11.91 -8.71 -20.09
CA ASN A 84 -11.68 -9.90 -20.89
C ASN A 84 -12.88 -10.83 -20.74
N SER A 85 -12.99 -11.76 -21.68
CA SER A 85 -14.00 -12.84 -21.64
C SER A 85 -15.38 -12.26 -21.41
N LEU A 86 -15.73 -11.29 -22.25
CA LEU A 86 -16.98 -10.57 -22.04
C LEU A 86 -18.17 -11.47 -22.33
N ARG A 87 -19.25 -11.24 -21.59
CA ARG A 87 -20.47 -12.01 -21.75
C ARG A 87 -21.62 -11.04 -21.92
N ILE A 88 -22.74 -11.54 -22.46
CA ILE A 88 -23.90 -10.68 -22.70
C ILE A 88 -24.23 -9.88 -21.46
N GLU A 89 -24.17 -10.54 -20.30
CA GLU A 89 -24.55 -9.92 -19.03
C GLU A 89 -23.58 -8.86 -18.56
N ASP A 90 -22.45 -8.66 -19.24
CA ASP A 90 -21.59 -7.51 -18.95
C ASP A 90 -22.09 -6.23 -19.62
N THR A 91 -23.16 -6.31 -20.39
CA THR A 91 -23.73 -5.13 -21.03
C THR A 91 -24.20 -4.15 -19.95
N ALA A 92 -23.70 -2.92 -20.01
CA ALA A 92 -23.98 -1.98 -18.94
C ALA A 92 -23.37 -0.63 -19.25
N VAL A 93 -23.82 0.37 -18.50
CA VAL A 93 -23.08 1.61 -18.36
C VAL A 93 -22.01 1.39 -17.31
N TYR A 94 -20.77 1.72 -17.63
CA TYR A 94 -19.64 1.59 -16.70
C TYR A 94 -19.28 2.95 -16.17
N TYR A 95 -19.30 3.09 -14.85
CA TYR A 95 -18.94 4.31 -14.16
C TYR A 95 -17.61 4.15 -13.47
N CYS A 96 -16.82 5.21 -13.49
CA CYS A 96 -15.71 5.29 -12.55
CA CYS A 96 -15.67 5.37 -12.61
C CYS A 96 -16.06 6.32 -11.49
N ALA A 97 -15.56 6.07 -10.28
CA ALA A 97 -15.93 6.93 -9.15
C ALA A 97 -14.73 7.04 -8.23
N LYS A 98 -14.65 8.16 -7.51
CA LYS A 98 -13.54 8.34 -6.61
C LYS A 98 -14.02 8.24 -5.16
N ASP A 99 -13.10 7.74 -4.34
CA ASP A 99 -13.32 7.62 -2.90
C ASP A 99 -13.61 8.99 -2.31
N TYR A 100 -14.49 9.00 -1.30
CA TYR A 100 -14.81 10.25 -0.60
C TYR A 100 -13.58 10.86 0.06
N TYR A 101 -12.68 10.05 0.59
CA TYR A 101 -11.48 10.52 1.25
C TYR A 101 -10.24 10.07 0.49
N PRO A 102 -9.14 10.80 0.62
CA PRO A 102 -7.90 10.46 -0.07
C PRO A 102 -7.14 9.36 0.66
N LEU A 103 -6.01 8.97 0.08
CA LEU A 103 -5.10 7.98 0.66
C LEU A 103 -5.82 6.64 0.79
N LEU A 104 -5.48 5.82 1.79
CA LEU A 104 -6.27 4.62 2.01
C LEU A 104 -7.53 5.02 2.77
N SER A 105 -8.68 4.73 2.19
CA SER A 105 -9.93 5.17 2.78
C SER A 105 -10.89 3.99 2.84
N TYR A 106 -11.70 3.79 1.79
CA TYR A 106 -12.48 2.59 1.52
C TYR A 106 -13.80 2.46 2.29
N TYR A 107 -13.87 2.96 3.51
CA TYR A 107 -14.96 2.58 4.40
C TYR A 107 -16.16 3.50 4.31
N TYR A 108 -16.15 4.46 3.38
CA TYR A 108 -17.13 5.55 3.39
C TYR A 108 -18.00 5.51 2.14
N GLY A 109 -17.47 5.87 0.98
CA GLY A 109 -18.26 5.74 -0.22
C GLY A 109 -17.63 6.51 -1.37
N LEU A 110 -18.40 6.62 -2.43
CA LEU A 110 -17.95 7.11 -3.73
C LEU A 110 -18.63 8.45 -3.98
N ASP A 111 -17.89 9.55 -3.89
CA ASP A 111 -18.60 10.83 -3.91
C ASP A 111 -18.56 11.55 -5.26
N VAL A 112 -17.60 11.24 -6.13
CA VAL A 112 -17.58 11.84 -7.47
C VAL A 112 -17.61 10.71 -8.48
N TRP A 113 -18.51 10.82 -9.45
CA TRP A 113 -18.74 9.78 -10.44
C TRP A 113 -18.59 10.40 -11.82
N GLY A 114 -18.17 9.61 -12.79
CA GLY A 114 -18.27 10.04 -14.17
C GLY A 114 -19.70 9.88 -14.67
N GLN A 115 -19.91 10.30 -15.91
CA GLN A 115 -21.22 10.17 -16.52
CA GLN A 115 -21.22 10.16 -16.52
C GLN A 115 -21.45 8.78 -17.10
N GLY A 116 -20.40 7.98 -17.20
CA GLY A 116 -20.50 6.61 -17.63
C GLY A 116 -20.14 6.45 -19.10
N THR A 117 -19.76 5.23 -19.45
CA THR A 117 -19.58 4.88 -20.85
C THR A 117 -20.32 3.57 -21.08
N THR A 118 -20.93 3.43 -22.25
CA THR A 118 -21.85 2.32 -22.48
C THR A 118 -21.16 1.19 -23.23
N VAL A 119 -21.22 -0.01 -22.65
CA VAL A 119 -20.70 -1.22 -23.25
C VAL A 119 -21.88 -2.12 -23.59
N THR A 120 -21.94 -2.55 -24.85
CA THR A 120 -22.98 -3.47 -25.29
C THR A 120 -22.28 -4.74 -25.75
N VAL A 121 -22.45 -5.82 -25.02
CA VAL A 121 -21.88 -7.11 -25.40
C VAL A 121 -22.96 -7.89 -26.11
N SER A 122 -22.75 -8.16 -27.39
CA SER A 122 -23.77 -8.82 -28.18
C SER A 122 -23.13 -9.43 -29.40
N SER A 123 -23.67 -10.57 -29.82
CA SER A 123 -23.30 -11.14 -31.10
C SER A 123 -24.25 -10.73 -32.21
N ALA A 124 -25.23 -9.87 -31.92
CA ALA A 124 -26.11 -9.40 -32.98
C ALA A 124 -25.30 -8.64 -34.03
N SER A 125 -25.77 -8.68 -35.26
CA SER A 125 -25.17 -7.93 -36.36
C SER A 125 -25.89 -6.60 -36.51
N THR A 126 -25.13 -5.58 -36.88
CA THR A 126 -25.73 -4.28 -37.17
C THR A 126 -26.86 -4.45 -38.16
N LYS A 127 -28.02 -3.91 -37.83
CA LYS A 127 -29.21 -4.09 -38.67
C LYS A 127 -30.15 -2.91 -38.49
N GLY A 128 -30.59 -2.33 -39.61
CA GLY A 128 -31.54 -1.25 -39.54
C GLY A 128 -32.94 -1.75 -39.30
N PRO A 129 -33.81 -0.87 -38.79
CA PRO A 129 -35.16 -1.30 -38.43
C PRO A 129 -36.06 -1.53 -39.63
N SER A 130 -37.05 -2.39 -39.43
CA SER A 130 -38.24 -2.40 -40.27
C SER A 130 -39.24 -1.47 -39.62
N VAL A 131 -39.83 -0.57 -40.40
CA VAL A 131 -40.73 0.44 -39.86
C VAL A 131 -42.12 0.18 -40.41
N PHE A 132 -43.09 0.07 -39.50
CA PHE A 132 -44.45 -0.25 -39.90
C PHE A 132 -45.41 0.80 -39.38
N PRO A 133 -46.40 1.20 -40.16
CA PRO A 133 -47.35 2.21 -39.69
C PRO A 133 -48.28 1.63 -38.64
N LEU A 134 -48.64 2.48 -37.69
CA LEU A 134 -49.68 2.20 -36.71
C LEU A 134 -50.82 3.14 -37.06
N ALA A 135 -51.73 2.67 -37.90
CA ALA A 135 -52.71 3.55 -38.51
C ALA A 135 -53.76 3.98 -37.49
N PRO A 136 -54.22 5.24 -37.54
CA PRO A 136 -55.25 5.69 -36.60
C PRO A 136 -56.57 4.96 -36.84
N SER A 137 -57.34 4.84 -35.77
CA SER A 137 -58.60 4.09 -35.81
C SER A 137 -59.56 4.68 -36.83
N SER A 138 -60.40 3.80 -37.38
CA SER A 138 -61.42 4.19 -38.35
C SER A 138 -62.71 4.61 -37.64
N GLY A 143 -62.08 11.38 -28.51
CA GLY A 143 -62.94 12.54 -28.52
C GLY A 143 -62.31 13.72 -29.23
N GLY A 144 -62.43 13.75 -30.55
CA GLY A 144 -61.79 14.77 -31.36
C GLY A 144 -60.32 14.54 -31.65
N THR A 145 -59.70 13.53 -31.03
CA THR A 145 -58.30 13.22 -31.26
C THR A 145 -58.13 11.74 -31.56
N ALA A 146 -57.03 11.42 -32.25
CA ALA A 146 -56.69 10.05 -32.58
C ALA A 146 -55.20 9.85 -32.41
N ALA A 147 -54.84 8.64 -32.01
CA ALA A 147 -53.44 8.24 -31.88
C ALA A 147 -53.02 7.50 -33.14
N LEU A 148 -51.84 7.84 -33.64
CA LEU A 148 -51.21 7.10 -34.72
C LEU A 148 -49.72 7.03 -34.43
N GLY A 149 -49.04 6.11 -35.09
CA GLY A 149 -47.64 5.99 -34.79
C GLY A 149 -46.91 5.14 -35.79
N CYS A 150 -45.69 4.79 -35.43
CA CYS A 150 -44.85 3.91 -36.22
CA CYS A 150 -44.95 3.84 -36.22
C CYS A 150 -44.19 2.90 -35.29
N LEU A 151 -44.14 1.67 -35.73
CA LEU A 151 -43.46 0.60 -35.03
C LEU A 151 -42.08 0.47 -35.67
N VAL A 152 -41.03 0.60 -34.86
CA VAL A 152 -39.65 0.60 -35.33
C VAL A 152 -39.06 -0.72 -34.84
N LYS A 153 -39.01 -1.73 -35.70
CA LYS A 153 -38.80 -3.08 -35.23
C LYS A 153 -37.42 -3.60 -35.62
N ASP A 154 -36.81 -4.35 -34.69
CA ASP A 154 -35.71 -5.28 -34.98
C ASP A 154 -34.47 -4.56 -35.55
N TYR A 155 -33.92 -3.65 -34.75
CA TYR A 155 -32.69 -2.98 -35.14
C TYR A 155 -31.59 -3.25 -34.13
N PHE A 156 -30.35 -3.09 -34.57
CA PHE A 156 -29.22 -3.23 -33.66
C PHE A 156 -28.05 -2.46 -34.22
N PRO A 157 -27.26 -1.75 -33.39
CA PRO A 157 -27.46 -1.51 -31.95
C PRO A 157 -28.29 -0.26 -31.74
N GLU A 158 -28.50 0.13 -30.47
CA GLU A 158 -29.04 1.45 -30.19
C GLU A 158 -28.05 2.51 -30.68
N PRO A 159 -28.52 3.74 -30.96
CA PRO A 159 -29.92 4.17 -30.83
C PRO A 159 -30.60 4.38 -32.19
N VAL A 160 -31.90 4.58 -32.15
CA VAL A 160 -32.66 5.12 -33.28
C VAL A 160 -33.24 6.45 -32.83
N THR A 161 -33.40 7.36 -33.77
CA THR A 161 -34.11 8.61 -33.51
C THR A 161 -35.34 8.63 -34.40
N VAL A 162 -36.41 9.24 -33.90
CA VAL A 162 -37.65 9.32 -34.65
C VAL A 162 -38.11 10.76 -34.61
N SER A 163 -38.43 11.30 -35.78
CA SER A 163 -39.13 12.56 -35.88
C SER A 163 -40.42 12.30 -36.64
N TRP A 164 -41.30 13.28 -36.64
CA TRP A 164 -42.54 13.24 -37.39
C TRP A 164 -42.59 14.43 -38.32
N ASN A 165 -42.93 14.19 -39.58
CA ASN A 165 -43.00 15.21 -40.62
C ASN A 165 -41.73 16.07 -40.64
N SER A 166 -40.59 15.38 -40.60
CA SER A 166 -39.26 15.99 -40.75
C SER A 166 -38.98 17.00 -39.63
N GLY A 167 -39.58 16.78 -38.46
CA GLY A 167 -39.41 17.68 -37.36
C GLY A 167 -40.47 18.75 -37.22
N ALA A 168 -41.37 18.87 -38.19
CA ALA A 168 -42.38 19.92 -38.12
C ALA A 168 -43.51 19.57 -37.15
N LEU A 169 -43.64 18.31 -36.79
CA LEU A 169 -44.66 17.84 -35.85
C LEU A 169 -43.94 17.40 -34.58
N THR A 170 -44.12 18.17 -33.51
CA THR A 170 -43.57 17.85 -32.20
C THR A 170 -44.62 17.75 -31.10
N SER A 171 -45.69 18.52 -31.20
CA SER A 171 -46.72 18.49 -30.18
C SER A 171 -47.42 17.13 -30.19
N GLY A 172 -47.61 16.57 -28.99
CA GLY A 172 -48.28 15.29 -28.86
C GLY A 172 -47.45 14.06 -29.19
N VAL A 173 -46.16 14.23 -29.46
CA VAL A 173 -45.30 13.11 -29.85
C VAL A 173 -44.71 12.49 -28.59
N HIS A 174 -44.77 11.16 -28.50
CA HIS A 174 -43.99 10.44 -27.51
C HIS A 174 -43.31 9.28 -28.21
N THR A 175 -41.98 9.24 -28.13
CA THR A 175 -41.20 8.13 -28.65
C THR A 175 -40.76 7.29 -27.46
N PHE A 176 -41.07 6.01 -27.51
CA PHE A 176 -40.88 5.14 -26.36
C PHE A 176 -39.44 4.65 -26.27
N PRO A 177 -39.00 4.24 -25.08
CA PRO A 177 -37.72 3.55 -24.98
C PRO A 177 -37.80 2.21 -25.67
N ALA A 178 -36.63 1.71 -26.05
CA ALA A 178 -36.56 0.47 -26.79
C ALA A 178 -36.74 -0.73 -25.86
N VAL A 179 -37.26 -1.82 -26.40
CA VAL A 179 -37.17 -3.11 -25.74
C VAL A 179 -36.08 -3.89 -26.44
N LEU A 180 -35.36 -4.71 -25.67
CA LEU A 180 -34.41 -5.67 -26.21
C LEU A 180 -35.11 -7.02 -26.24
N GLN A 181 -35.32 -7.56 -27.44
CA GLN A 181 -36.02 -8.82 -27.58
C GLN A 181 -35.04 -9.99 -27.55
N SER A 182 -35.59 -11.20 -27.39
CA SER A 182 -34.77 -12.39 -27.28
C SER A 182 -33.99 -12.67 -28.56
N SER A 183 -34.34 -12.01 -29.66
CA SER A 183 -33.51 -12.05 -30.85
C SER A 183 -32.17 -11.36 -30.65
N GLY A 184 -32.06 -10.51 -29.63
CA GLY A 184 -30.94 -9.60 -29.53
C GLY A 184 -31.12 -8.31 -30.30
N LEU A 185 -32.30 -8.10 -30.88
CA LEU A 185 -32.61 -6.87 -31.61
C LEU A 185 -33.53 -5.99 -30.78
N TYR A 186 -33.41 -4.68 -30.99
CA TYR A 186 -34.23 -3.71 -30.30
C TYR A 186 -35.48 -3.40 -31.12
N SER A 187 -36.52 -2.95 -30.43
CA SER A 187 -37.70 -2.37 -31.07
C SER A 187 -38.20 -1.22 -30.22
N LEU A 188 -38.83 -0.24 -30.87
CA LEU A 188 -39.57 0.77 -30.14
C LEU A 188 -40.72 1.27 -31.00
N SER A 189 -41.54 2.11 -30.41
CA SER A 189 -42.62 2.78 -31.11
C SER A 189 -42.52 4.27 -30.85
N SER A 190 -43.10 5.04 -31.76
CA SER A 190 -43.34 6.45 -31.55
C SER A 190 -44.80 6.69 -31.87
N VAL A 191 -45.48 7.44 -31.02
CA VAL A 191 -46.90 7.72 -31.19
C VAL A 191 -47.09 9.22 -31.18
N VAL A 192 -48.10 9.69 -31.90
CA VAL A 192 -48.50 11.09 -31.85
C VAL A 192 -50.01 11.16 -31.78
N THR A 193 -50.52 12.04 -30.92
CA THR A 193 -51.95 12.31 -30.80
C THR A 193 -52.27 13.53 -31.66
N VAL A 194 -53.20 13.38 -32.59
CA VAL A 194 -53.52 14.44 -33.53
C VAL A 194 -55.03 14.66 -33.51
N PRO A 195 -55.50 15.83 -33.91
CA PRO A 195 -56.94 16.02 -34.09
C PRO A 195 -57.46 15.08 -35.17
N SER A 196 -58.51 14.32 -34.83
CA SER A 196 -59.04 13.35 -35.78
C SER A 196 -59.62 14.01 -37.02
N SER A 197 -59.98 15.29 -36.95
CA SER A 197 -60.41 16.01 -38.14
C SER A 197 -59.26 16.22 -39.13
N SER A 198 -58.02 16.14 -38.68
CA SER A 198 -56.88 16.29 -39.57
C SER A 198 -56.58 15.04 -40.39
N LEU A 199 -57.15 13.90 -40.02
CA LEU A 199 -56.84 12.66 -40.73
C LEU A 199 -57.37 12.71 -42.15
N GLY A 200 -56.58 12.17 -43.09
CA GLY A 200 -56.93 12.24 -44.49
C GLY A 200 -56.66 13.56 -45.16
N THR A 201 -56.49 14.64 -44.39
CA THR A 201 -56.04 15.93 -44.91
C THR A 201 -54.55 16.13 -44.68
N GLN A 202 -54.11 16.02 -43.43
CA GLN A 202 -52.70 16.20 -43.10
C GLN A 202 -51.96 14.87 -43.25
N THR A 203 -50.83 14.91 -43.94
CA THR A 203 -49.97 13.73 -44.07
C THR A 203 -49.14 13.57 -42.81
N TYR A 204 -48.97 12.33 -42.37
CA TYR A 204 -48.16 12.01 -41.20
C TYR A 204 -47.11 10.99 -41.61
N ILE A 205 -45.85 11.38 -41.52
CA ILE A 205 -44.72 10.52 -41.87
C ILE A 205 -43.76 10.49 -40.70
N CYS A 206 -43.42 9.30 -40.22
CA CYS A 206 -42.38 9.16 -39.19
CA CYS A 206 -42.39 9.20 -39.20
C CYS A 206 -41.04 8.98 -39.88
N ASN A 207 -40.04 9.69 -39.39
CA ASN A 207 -38.70 9.65 -39.97
C ASN A 207 -37.82 8.91 -38.98
N VAL A 208 -37.37 7.72 -39.36
CA VAL A 208 -36.61 6.84 -38.48
C VAL A 208 -35.18 6.83 -38.97
N ASN A 209 -34.27 7.28 -38.12
CA ASN A 209 -32.86 7.36 -38.47
C ASN A 209 -32.12 6.36 -37.59
N HIS A 210 -31.40 5.44 -38.21
CA HIS A 210 -30.60 4.47 -37.46
C HIS A 210 -29.18 4.64 -37.98
N LYS A 211 -28.42 5.52 -37.34
CA LYS A 211 -27.08 5.81 -37.82
C LYS A 211 -26.16 4.59 -37.87
N PRO A 212 -26.19 3.66 -36.90
CA PRO A 212 -25.25 2.53 -36.98
C PRO A 212 -25.39 1.73 -38.26
N SER A 213 -26.60 1.52 -38.77
CA SER A 213 -26.77 0.77 -40.01
C SER A 213 -26.80 1.68 -41.22
N ASN A 214 -26.62 2.99 -41.03
CA ASN A 214 -26.68 3.97 -42.11
C ASN A 214 -28.01 3.86 -42.88
N THR A 215 -29.10 3.68 -42.15
CA THR A 215 -30.41 3.59 -42.77
C THR A 215 -31.31 4.69 -42.25
N LYS A 216 -32.13 5.23 -43.14
CA LYS A 216 -33.19 6.15 -42.79
C LYS A 216 -34.45 5.61 -43.44
N VAL A 217 -35.53 5.54 -42.68
CA VAL A 217 -36.81 5.09 -43.20
C VAL A 217 -37.84 6.16 -42.90
N ASP A 218 -38.59 6.56 -43.92
CA ASP A 218 -39.68 7.52 -43.76
C ASP A 218 -40.98 6.83 -44.12
N LYS A 219 -41.77 6.50 -43.11
CA LYS A 219 -42.98 5.71 -43.28
C LYS A 219 -44.20 6.61 -43.16
N LYS A 220 -44.97 6.70 -44.25
CA LYS A 220 -46.24 7.40 -44.19
C LYS A 220 -47.27 6.58 -43.44
N VAL A 221 -47.98 7.23 -42.52
CA VAL A 221 -49.04 6.59 -41.74
C VAL A 221 -50.37 7.11 -42.27
N GLU A 222 -51.13 6.25 -42.97
CA GLU A 222 -52.39 6.60 -43.60
C GLU A 222 -53.57 6.08 -42.78
N PRO A 223 -54.69 6.79 -42.79
CA PRO A 223 -55.91 6.25 -42.18
C PRO A 223 -56.32 4.95 -42.85
N LYS A 224 -57.02 4.10 -42.09
CA LYS A 224 -57.54 2.86 -42.59
C LYS A 224 -59.05 2.97 -42.76
N SER A 225 -59.62 2.01 -43.49
CA SER A 225 -61.07 1.96 -43.71
C SER A 225 -61.68 0.67 -43.16
N THR B 25 3.85 -5.01 49.16
CA THR B 25 3.29 -5.48 47.91
C THR B 25 3.49 -4.46 46.79
N ASN B 26 4.44 -4.75 45.90
CA ASN B 26 4.78 -3.86 44.79
C ASN B 26 3.84 -4.15 43.61
N LEU B 27 2.59 -3.73 43.77
CA LEU B 27 1.56 -4.07 42.79
C LEU B 27 1.71 -3.21 41.55
N CYS B 28 1.43 -3.81 40.39
CA CYS B 28 1.47 -3.06 39.16
C CYS B 28 0.40 -1.95 39.21
N PRO B 29 0.66 -0.81 38.58
CA PRO B 29 -0.27 0.32 38.67
C PRO B 29 -1.41 0.24 37.66
N PHE B 30 -2.19 -0.86 37.75
CA PHE B 30 -3.34 -0.99 36.87
C PHE B 30 -4.37 0.09 37.16
N ASP B 31 -4.43 0.57 38.40
CA ASP B 31 -5.45 1.55 38.77
C ASP B 31 -5.34 2.81 37.93
N GLU B 32 -4.12 3.29 37.68
CA GLU B 32 -4.02 4.54 36.94
C GLU B 32 -4.33 4.35 35.46
N VAL B 33 -4.26 3.13 34.95
CA VAL B 33 -4.75 2.87 33.60
C VAL B 33 -6.27 2.71 33.59
N PHE B 34 -6.77 1.72 34.35
CA PHE B 34 -8.19 1.38 34.27
C PHE B 34 -9.08 2.44 34.91
N ASN B 35 -8.60 3.09 35.97
CA ASN B 35 -9.42 4.07 36.66
C ASN B 35 -9.05 5.50 36.29
N ALA B 36 -8.35 5.71 35.18
CA ALA B 36 -8.06 7.06 34.74
C ALA B 36 -9.34 7.85 34.52
N THR B 37 -9.33 9.13 34.93
CA THR B 37 -10.52 9.96 34.79
C THR B 37 -10.95 10.09 33.33
N THR B 38 -10.00 10.42 32.45
CA THR B 38 -10.27 10.52 31.04
C THR B 38 -9.36 9.56 30.28
N PHE B 39 -9.89 8.99 29.23
CA PHE B 39 -9.12 8.12 28.37
C PHE B 39 -8.68 8.89 27.14
N ALA B 40 -7.70 8.33 26.44
CA ALA B 40 -7.19 8.92 25.21
C ALA B 40 -8.14 8.66 24.05
N SER B 41 -8.10 9.54 23.06
CA SER B 41 -8.66 9.20 21.76
C SER B 41 -7.91 8.03 21.15
N VAL B 42 -8.63 7.20 20.39
CA VAL B 42 -8.00 6.00 19.85
C VAL B 42 -6.81 6.35 18.96
N TYR B 43 -6.92 7.42 18.16
CA TYR B 43 -5.81 7.72 17.27
C TYR B 43 -4.58 8.16 18.07
N ALA B 44 -4.80 8.76 19.25
CA ALA B 44 -3.71 9.18 20.13
C ALA B 44 -3.65 8.31 21.38
N TRP B 45 -3.75 7.00 21.20
CA TRP B 45 -3.96 6.08 22.31
C TRP B 45 -2.79 6.13 23.28
N ASN B 46 -3.08 5.87 24.56
CA ASN B 46 -2.06 5.95 25.59
C ASN B 46 -1.43 4.59 25.79
N ARG B 47 -0.15 4.59 26.16
CA ARG B 47 0.58 3.39 26.49
C ARG B 47 1.21 3.58 27.86
N LYS B 48 0.97 2.62 28.75
CA LYS B 48 1.60 2.58 30.05
C LYS B 48 2.47 1.34 30.09
N ARG B 49 3.77 1.53 30.33
CA ARG B 49 4.68 0.41 30.49
C ARG B 49 4.60 -0.09 31.92
N ILE B 50 4.48 -1.40 32.08
CA ILE B 50 4.31 -2.05 33.36
C ILE B 50 5.48 -3.02 33.51
N SER B 51 6.41 -2.71 34.42
CA SER B 51 7.59 -3.52 34.64
C SER B 51 7.92 -3.54 36.12
N ASN B 52 8.57 -4.63 36.56
CA ASN B 52 9.12 -4.72 37.91
C ASN B 52 8.03 -4.58 38.97
N CYS B 53 6.96 -5.34 38.81
CA CYS B 53 5.87 -5.27 39.77
C CYS B 53 5.11 -6.59 39.80
N VAL B 54 4.28 -6.73 40.83
CA VAL B 54 3.40 -7.88 40.97
C VAL B 54 2.05 -7.53 40.36
N ALA B 55 1.63 -8.31 39.37
CA ALA B 55 0.39 -8.06 38.65
C ALA B 55 -0.69 -8.96 39.22
N ASP B 56 -1.62 -8.35 39.98
CA ASP B 56 -2.80 -9.05 40.49
C ASP B 56 -3.96 -8.70 39.57
N TYR B 57 -4.22 -9.55 38.58
CA TYR B 57 -5.23 -9.26 37.58
C TYR B 57 -6.66 -9.40 38.11
N SER B 58 -6.84 -9.95 39.32
CA SER B 58 -8.17 -10.04 39.89
C SER B 58 -8.71 -8.66 40.28
N VAL B 59 -7.84 -7.68 40.51
CA VAL B 59 -8.28 -6.34 40.88
C VAL B 59 -8.94 -5.59 39.74
N LEU B 60 -8.87 -6.11 38.52
CA LEU B 60 -9.48 -5.42 37.38
C LEU B 60 -11.00 -5.40 37.46
N TYR B 61 -11.61 -6.32 38.21
CA TYR B 61 -13.06 -6.34 38.32
C TYR B 61 -13.59 -5.15 39.10
N ASN B 62 -12.77 -4.58 39.98
CA ASN B 62 -13.17 -3.41 40.76
C ASN B 62 -12.93 -2.11 40.02
N PHE B 63 -11.92 -2.06 39.14
CA PHE B 63 -11.59 -0.83 38.43
C PHE B 63 -12.47 -0.63 37.20
N ALA B 64 -13.01 -1.71 36.62
CA ALA B 64 -13.85 -1.63 35.44
C ALA B 64 -15.15 -2.38 35.69
N PRO B 65 -16.31 -1.73 35.48
CA PRO B 65 -17.59 -2.39 35.77
C PRO B 65 -18.14 -3.19 34.60
N PHE B 66 -18.34 -4.50 34.82
CA PHE B 66 -18.94 -5.39 33.82
C PHE B 66 -18.28 -5.23 32.46
N PHE B 67 -17.09 -5.79 32.29
CA PHE B 67 -16.29 -5.56 31.10
C PHE B 67 -16.20 -6.81 30.24
N ALA B 68 -16.08 -6.59 28.92
CA ALA B 68 -15.75 -7.64 27.98
C ALA B 68 -14.24 -7.89 27.99
N PHE B 69 -13.85 -9.13 27.67
CA PHE B 69 -12.55 -9.66 28.09
C PHE B 69 -12.19 -10.81 27.15
N LYS B 70 -11.27 -10.58 26.22
CA LYS B 70 -10.78 -11.62 25.33
C LYS B 70 -9.28 -11.73 25.46
N CYS B 71 -8.77 -12.95 25.64
CA CYS B 71 -7.33 -13.16 25.72
C CYS B 71 -6.85 -14.01 24.56
N TYR B 72 -5.58 -13.80 24.20
CA TYR B 72 -4.96 -14.43 23.04
C TYR B 72 -3.57 -14.91 23.46
N GLY B 73 -3.30 -16.20 23.28
CA GLY B 73 -2.03 -16.76 23.67
C GLY B 73 -1.84 -16.96 25.16
N VAL B 74 -2.87 -16.67 25.96
CA VAL B 74 -2.85 -16.88 27.41
C VAL B 74 -4.26 -17.28 27.82
N SER B 75 -4.35 -18.00 28.93
CA SER B 75 -5.70 -18.28 29.39
C SER B 75 -6.09 -17.31 30.50
N PRO B 76 -7.32 -16.76 30.44
CA PRO B 76 -7.71 -15.75 31.43
C PRO B 76 -7.75 -16.27 32.86
N THR B 77 -7.90 -17.57 33.06
CA THR B 77 -7.98 -18.14 34.40
C THR B 77 -6.62 -18.43 35.02
N LYS B 78 -5.54 -18.32 34.25
CA LYS B 78 -4.21 -18.64 34.76
C LYS B 78 -3.26 -17.45 34.72
N LEU B 79 -3.79 -16.23 34.61
CA LEU B 79 -2.92 -15.05 34.48
C LEU B 79 -2.06 -14.86 35.71
N ASN B 80 -2.60 -15.14 36.90
CA ASN B 80 -1.83 -14.95 38.12
C ASN B 80 -0.74 -16.00 38.31
N ASP B 81 -0.68 -17.02 37.46
CA ASP B 81 0.38 -18.02 37.51
C ASP B 81 1.54 -17.69 36.59
N LEU B 82 1.38 -16.72 35.72
CA LEU B 82 2.33 -16.46 34.65
C LEU B 82 3.28 -15.33 35.01
N CYS B 83 4.45 -15.36 34.40
CA CYS B 83 5.46 -14.32 34.55
C CYS B 83 5.84 -13.81 33.16
N PHE B 84 5.96 -12.49 33.03
CA PHE B 84 6.32 -11.90 31.76
C PHE B 84 7.48 -10.93 31.93
N THR B 85 8.17 -10.67 30.82
CA THR B 85 9.29 -9.73 30.86
C THR B 85 8.79 -8.33 31.14
N ASN B 86 7.78 -7.90 30.40
CA ASN B 86 7.14 -6.61 30.56
C ASN B 86 5.67 -6.77 30.21
N VAL B 87 4.87 -5.85 30.70
CA VAL B 87 3.48 -5.75 30.31
C VAL B 87 3.26 -4.33 29.80
N TYR B 88 2.42 -4.19 28.79
CA TYR B 88 2.03 -2.90 28.29
C TYR B 88 0.52 -2.77 28.37
N ALA B 89 0.06 -1.62 28.82
CA ALA B 89 -1.36 -1.36 28.94
C ALA B 89 -1.66 -0.18 28.05
N ASP B 90 -2.31 -0.44 26.91
CA ASP B 90 -2.70 0.58 25.97
C ASP B 90 -4.18 0.89 26.19
N SER B 91 -4.54 2.17 26.18
CA SER B 91 -5.91 2.50 26.53
C SER B 91 -6.43 3.62 25.65
N PHE B 92 -7.72 3.56 25.36
CA PHE B 92 -8.36 4.51 24.48
C PHE B 92 -9.85 4.25 24.52
N VAL B 93 -10.60 5.12 23.85
CA VAL B 93 -12.04 4.98 23.70
C VAL B 93 -12.39 4.83 22.23
N ILE B 94 -13.28 3.86 21.94
CA ILE B 94 -13.90 3.71 20.64
C ILE B 94 -15.39 3.47 20.85
N ARG B 95 -16.13 3.39 19.75
CA ARG B 95 -17.54 3.09 19.97
C ARG B 95 -17.72 1.56 20.04
N GLY B 96 -18.83 1.15 20.64
CA GLY B 96 -19.00 -0.25 20.98
C GLY B 96 -18.89 -1.18 19.78
N ASN B 97 -19.45 -0.78 18.65
CA ASN B 97 -19.43 -1.70 17.51
C ASN B 97 -18.09 -1.71 16.78
N GLU B 98 -17.08 -1.01 17.32
CA GLU B 98 -15.71 -1.11 16.84
C GLU B 98 -14.83 -1.99 17.71
N VAL B 99 -15.32 -2.42 18.89
CA VAL B 99 -14.47 -3.17 19.80
C VAL B 99 -13.95 -4.43 19.14
N SER B 100 -14.75 -5.04 18.26
CA SER B 100 -14.35 -6.26 17.59
C SER B 100 -13.13 -6.06 16.68
N GLN B 101 -12.81 -4.82 16.30
CA GLN B 101 -11.60 -4.58 15.52
C GLN B 101 -10.34 -4.60 16.35
N ILE B 102 -10.47 -4.56 17.68
CA ILE B 102 -9.31 -4.62 18.56
C ILE B 102 -9.08 -6.10 18.82
N ALA B 103 -8.60 -6.80 17.80
CA ALA B 103 -8.41 -8.23 17.86
C ALA B 103 -7.39 -8.58 16.80
N PRO B 104 -6.59 -9.62 17.01
CA PRO B 104 -5.64 -10.06 15.98
C PRO B 104 -6.40 -10.47 14.71
N GLY B 105 -5.83 -10.12 13.57
CA GLY B 105 -6.38 -10.55 12.30
C GLY B 105 -7.56 -9.74 11.81
N GLN B 106 -7.87 -8.62 12.44
CA GLN B 106 -9.00 -7.80 12.05
C GLN B 106 -8.56 -6.64 11.16
N THR B 107 -9.44 -6.23 10.27
CA THR B 107 -9.26 -4.98 9.53
C THR B 107 -10.53 -4.16 9.67
N GLY B 108 -10.42 -2.88 9.38
CA GLY B 108 -11.53 -1.96 9.53
C GLY B 108 -10.96 -0.57 9.69
N ASN B 109 -11.86 0.40 9.87
CA ASN B 109 -11.36 1.78 9.96
C ASN B 109 -10.51 2.00 11.21
N ILE B 110 -10.82 1.30 12.31
CA ILE B 110 -10.04 1.47 13.53
C ILE B 110 -8.75 0.66 13.44
N ALA B 111 -8.87 -0.63 13.10
CA ALA B 111 -7.68 -1.45 12.97
C ALA B 111 -6.71 -0.90 11.93
N ASP B 112 -7.23 -0.38 10.80
CA ASP B 112 -6.34 0.05 9.72
C ASP B 112 -5.69 1.38 10.00
N TYR B 113 -6.43 2.34 10.59
CA TYR B 113 -5.97 3.71 10.64
C TYR B 113 -5.75 4.23 12.05
N ASN B 114 -6.08 3.45 13.08
CA ASN B 114 -6.07 4.01 14.43
C ASN B 114 -5.30 3.19 15.45
N TYR B 115 -5.60 1.90 15.57
CA TYR B 115 -4.91 1.05 16.55
C TYR B 115 -4.93 -0.38 16.02
N LYS B 116 -3.73 -0.94 15.85
CA LYS B 116 -3.55 -2.21 15.15
C LYS B 116 -2.91 -3.23 16.08
N LEU B 117 -3.64 -4.29 16.39
CA LEU B 117 -3.03 -5.44 17.03
C LEU B 117 -2.37 -6.33 15.99
N PRO B 118 -1.24 -6.96 16.31
CA PRO B 118 -0.63 -7.91 15.38
C PRO B 118 -1.38 -9.23 15.39
N ASP B 119 -1.23 -9.96 14.29
CA ASP B 119 -1.86 -11.28 14.19
C ASP B 119 -1.38 -12.22 15.31
N ASP B 120 -0.13 -12.08 15.76
CA ASP B 120 0.40 -12.97 16.79
C ASP B 120 0.33 -12.33 18.17
N PHE B 121 -0.60 -11.42 18.38
CA PHE B 121 -0.80 -10.78 19.68
C PHE B 121 -0.89 -11.79 20.82
N THR B 122 -0.14 -11.53 21.90
CA THR B 122 -0.24 -12.28 23.14
C THR B 122 -0.67 -11.27 24.20
N GLY B 123 -1.87 -11.46 24.73
CA GLY B 123 -2.39 -10.52 25.70
C GLY B 123 -3.90 -10.59 25.75
N CYS B 124 -4.48 -9.58 26.39
CA CYS B 124 -5.92 -9.55 26.59
C CYS B 124 -6.44 -8.18 26.18
N VAL B 125 -7.64 -8.19 25.64
CA VAL B 125 -8.36 -6.98 25.26
C VAL B 125 -9.54 -6.88 26.20
N ILE B 126 -9.61 -5.77 26.92
CA ILE B 126 -10.63 -5.55 27.93
C ILE B 126 -11.41 -4.32 27.51
N ALA B 127 -12.73 -4.44 27.44
CA ALA B 127 -13.55 -3.30 27.03
C ALA B 127 -14.76 -3.20 27.94
N TRP B 128 -15.13 -1.98 28.29
CA TRP B 128 -16.34 -1.79 29.07
C TRP B 128 -17.04 -0.52 28.63
N ASN B 129 -18.36 -0.52 28.76
CA ASN B 129 -19.17 0.61 28.37
C ASN B 129 -18.88 1.80 29.28
N SER B 130 -18.63 2.96 28.67
CA SER B 130 -18.31 4.17 29.42
C SER B 130 -19.29 5.29 29.12
N ASN B 131 -20.49 4.95 28.68
CA ASN B 131 -21.51 5.94 28.35
C ASN B 131 -21.69 6.96 29.48
N LYS B 132 -21.74 6.48 30.73
CA LYS B 132 -21.94 7.41 31.86
C LYS B 132 -20.81 8.41 31.99
N LEU B 133 -19.59 8.02 31.65
CA LEU B 133 -18.42 8.88 31.80
C LEU B 133 -18.13 9.70 30.55
N ASP B 134 -18.41 9.15 29.37
CA ASP B 134 -17.86 9.70 28.15
C ASP B 134 -18.89 10.27 27.19
N SER B 135 -20.18 9.99 27.38
CA SER B 135 -21.20 10.63 26.56
C SER B 135 -21.64 11.92 27.21
N THR B 136 -22.03 12.89 26.39
CA THR B 136 -22.62 14.13 26.89
C THR B 136 -23.88 14.43 26.12
N VAL B 137 -24.74 15.25 26.73
CA VAL B 137 -26.03 15.57 26.12
C VAL B 137 -25.84 16.14 24.71
N GLY B 138 -24.90 17.07 24.56
CA GLY B 138 -24.64 17.64 23.25
C GLY B 138 -23.71 16.84 22.38
N GLY B 139 -23.08 15.81 22.94
CA GLY B 139 -22.14 15.01 22.19
C GLY B 139 -20.73 15.28 22.68
N ASN B 140 -19.97 14.22 22.95
CA ASN B 140 -18.58 14.38 23.35
C ASN B 140 -17.75 14.41 22.08
N TYR B 141 -17.33 15.60 21.67
CA TYR B 141 -16.51 15.72 20.47
C TYR B 141 -15.01 15.68 20.77
N ASN B 142 -14.62 15.43 22.03
CA ASN B 142 -13.21 15.32 22.37
C ASN B 142 -12.59 13.98 22.00
N TYR B 143 -13.37 12.92 21.88
CA TYR B 143 -12.85 11.64 21.43
C TYR B 143 -12.87 11.63 19.91
N ARG B 144 -11.72 11.30 19.30
CA ARG B 144 -11.57 11.40 17.87
C ARG B 144 -10.95 10.13 17.31
N TYR B 145 -11.04 10.00 15.99
CA TYR B 145 -10.45 8.86 15.31
C TYR B 145 -10.01 9.33 13.94
N ARG B 146 -9.07 8.59 13.36
CA ARG B 146 -8.51 8.92 12.06
C ARG B 146 -9.35 8.29 10.95
N LEU B 147 -9.53 9.06 9.86
CA LEU B 147 -10.45 8.71 8.79
C LEU B 147 -9.78 7.92 7.67
N PHE B 148 -8.53 8.25 7.37
CA PHE B 148 -7.84 7.73 6.20
C PHE B 148 -6.36 7.85 6.51
N ARG B 149 -5.54 7.12 5.76
CA ARG B 149 -4.11 7.19 6.06
C ARG B 149 -3.32 6.73 4.85
N LYS B 150 -2.07 7.21 4.75
CA LYS B 150 -1.23 6.87 3.59
C LYS B 150 -0.96 5.38 3.51
N SER B 151 -0.97 4.70 4.65
CA SER B 151 -0.76 3.26 4.72
CA SER B 151 -0.71 3.28 4.75
C SER B 151 -1.42 2.78 6.00
N LYS B 152 -1.66 1.48 6.07
CA LYS B 152 -2.22 0.95 7.30
C LYS B 152 -1.20 1.02 8.42
N LEU B 153 -1.69 1.23 9.65
CA LEU B 153 -0.80 1.23 10.80
C LEU B 153 -0.19 -0.14 11.00
N LYS B 154 1.08 -0.16 11.37
CA LYS B 154 1.72 -1.40 11.76
C LYS B 154 1.36 -1.69 13.21
N PRO B 155 1.62 -2.91 13.69
CA PRO B 155 1.24 -3.23 15.07
C PRO B 155 1.80 -2.24 16.06
N PHE B 156 0.90 -1.68 16.89
CA PHE B 156 1.24 -0.72 17.94
C PHE B 156 1.85 0.56 17.39
N GLU B 157 1.70 0.81 16.09
CA GLU B 157 2.05 2.11 15.57
C GLU B 157 1.03 3.15 16.03
N ARG B 158 1.49 4.37 16.25
CA ARG B 158 0.64 5.45 16.72
C ARG B 158 0.88 6.65 15.82
N ASP B 159 -0.19 7.21 15.28
CA ASP B 159 -0.11 8.36 14.38
C ASP B 159 -0.97 9.45 14.97
N ILE B 160 -0.35 10.50 15.50
CA ILE B 160 -1.12 11.61 16.06
C ILE B 160 -1.06 12.83 15.16
N SER B 161 -0.64 12.67 13.91
CA SER B 161 -0.61 13.80 13.00
C SER B 161 -2.03 14.33 12.76
N THR B 162 -2.17 15.65 12.82
CA THR B 162 -3.42 16.31 12.46
C THR B 162 -3.25 17.15 11.21
N GLU B 163 -2.15 16.97 10.50
CA GLU B 163 -1.85 17.80 9.34
C GLU B 163 -2.93 17.59 8.28
N ILE B 164 -3.37 18.70 7.68
CA ILE B 164 -4.40 18.62 6.66
C ILE B 164 -3.77 18.08 5.38
N TYR B 165 -4.41 17.06 4.79
CA TYR B 165 -3.87 16.45 3.58
C TYR B 165 -4.20 17.30 2.38
N GLN B 166 -3.17 17.72 1.65
CA GLN B 166 -3.32 18.58 0.49
C GLN B 166 -3.41 17.72 -0.77
N ALA B 167 -4.60 17.65 -1.37
CA ALA B 167 -4.76 16.87 -2.59
C ALA B 167 -4.59 17.69 -3.86
N GLY B 168 -4.83 19.00 -3.79
CA GLY B 168 -4.76 19.85 -4.96
C GLY B 168 -3.48 20.67 -5.02
N ASN B 169 -3.50 21.65 -5.93
CA ASN B 169 -2.38 22.57 -6.10
C ASN B 169 -2.28 23.57 -4.97
N LYS B 170 -3.41 24.01 -4.46
CA LYS B 170 -3.42 25.10 -3.51
C LYS B 170 -2.99 24.60 -2.13
N PRO B 171 -2.01 25.24 -1.48
CA PRO B 171 -1.67 24.88 -0.10
C PRO B 171 -2.88 25.08 0.80
N CYS B 172 -2.97 24.23 1.83
CA CYS B 172 -4.15 24.29 2.70
C CYS B 172 -4.01 25.36 3.77
N ASN B 173 -2.79 25.62 4.26
CA ASN B 173 -2.54 26.65 5.28
C ASN B 173 -3.39 26.43 6.52
N GLY B 174 -3.49 25.17 6.95
CA GLY B 174 -4.25 24.83 8.14
C GLY B 174 -5.75 25.04 8.04
N VAL B 175 -6.28 25.21 6.83
CA VAL B 175 -7.70 25.38 6.60
C VAL B 175 -8.18 24.16 5.81
N ALA B 176 -8.99 23.32 6.44
CA ALA B 176 -9.66 22.27 5.68
C ALA B 176 -10.63 22.89 4.70
N GLY B 177 -10.90 22.18 3.62
CA GLY B 177 -11.76 22.71 2.57
C GLY B 177 -11.56 21.94 1.28
N VAL B 178 -11.77 22.65 0.17
CA VAL B 178 -11.65 22.04 -1.14
C VAL B 178 -10.24 21.48 -1.31
N ASN B 179 -10.16 20.17 -1.56
CA ASN B 179 -8.91 19.45 -1.79
C ASN B 179 -8.01 19.44 -0.56
N CYS B 180 -8.56 19.72 0.61
CA CYS B 180 -7.76 19.92 1.82
C CYS B 180 -8.46 19.18 2.96
N TYR B 181 -8.01 17.96 3.26
CA TYR B 181 -8.74 17.02 4.10
C TYR B 181 -8.13 16.96 5.49
N PHE B 182 -8.90 17.38 6.49
CA PHE B 182 -8.54 17.13 7.87
C PHE B 182 -8.72 15.64 8.15
N PRO B 183 -7.72 14.97 8.72
CA PRO B 183 -7.75 13.50 8.77
C PRO B 183 -8.48 12.87 9.95
N LEU B 184 -8.97 13.67 10.90
CA LEU B 184 -9.67 13.10 12.05
C LEU B 184 -11.14 13.48 12.06
N GLN B 185 -11.91 12.71 12.80
CA GLN B 185 -13.30 13.07 13.07
C GLN B 185 -13.60 12.76 14.53
N SER B 186 -14.53 13.50 15.10
CA SER B 186 -14.98 13.26 16.46
C SER B 186 -16.10 12.22 16.49
N TYR B 187 -16.11 11.43 17.56
CA TYR B 187 -17.21 10.51 17.79
C TYR B 187 -18.52 11.20 18.15
N GLY B 188 -18.46 12.29 18.91
CA GLY B 188 -19.71 12.93 19.32
C GLY B 188 -20.65 12.07 20.14
N PHE B 189 -20.10 11.34 21.11
CA PHE B 189 -20.90 10.39 21.90
C PHE B 189 -22.04 11.09 22.63
N ARG B 190 -23.26 10.60 22.44
CA ARG B 190 -24.43 11.06 23.18
C ARG B 190 -25.11 9.90 23.89
N PRO B 191 -25.72 10.16 25.05
CA PRO B 191 -26.34 9.06 25.82
C PRO B 191 -27.61 8.50 25.19
N THR B 192 -28.14 9.12 24.14
CA THR B 192 -29.30 8.60 23.42
C THR B 192 -28.94 7.49 22.43
N TYR B 193 -27.65 7.25 22.20
CA TYR B 193 -27.23 6.28 21.21
C TYR B 193 -27.44 4.85 21.71
N GLY B 194 -27.66 3.92 20.79
CA GLY B 194 -27.60 2.51 21.14
C GLY B 194 -26.21 2.09 21.56
N VAL B 195 -26.09 0.93 22.22
CA VAL B 195 -24.81 0.55 22.79
C VAL B 195 -23.72 0.47 21.72
N GLY B 196 -24.08 0.04 20.50
CA GLY B 196 -23.08 -0.05 19.44
C GLY B 196 -22.41 1.28 19.13
N HIS B 197 -23.10 2.39 19.40
CA HIS B 197 -22.54 3.71 19.18
C HIS B 197 -22.18 4.43 20.46
N GLN B 198 -22.35 3.78 21.61
CA GLN B 198 -21.88 4.37 22.86
C GLN B 198 -20.37 4.21 23.01
N PRO B 199 -19.74 5.05 23.82
CA PRO B 199 -18.30 4.92 24.04
C PRO B 199 -17.97 3.70 24.88
N TYR B 200 -16.89 3.02 24.52
CA TYR B 200 -16.33 1.94 25.30
C TYR B 200 -14.88 2.26 25.61
N ARG B 201 -14.51 2.13 26.88
CA ARG B 201 -13.12 2.24 27.26
C ARG B 201 -12.48 0.88 27.03
N VAL B 202 -11.29 0.92 26.45
CA VAL B 202 -10.59 -0.29 26.02
C VAL B 202 -9.22 -0.23 26.66
N VAL B 203 -8.81 -1.34 27.27
CA VAL B 203 -7.43 -1.51 27.68
C VAL B 203 -6.93 -2.76 26.99
N VAL B 204 -5.84 -2.61 26.26
CA VAL B 204 -5.13 -3.74 25.67
C VAL B 204 -3.94 -4.04 26.55
N LEU B 205 -3.93 -5.21 27.16
CA LEU B 205 -2.82 -5.66 27.98
C LEU B 205 -1.93 -6.54 27.10
N SER B 206 -0.74 -6.05 26.78
CA SER B 206 0.22 -6.84 26.04
C SER B 206 1.12 -7.57 27.03
N PHE B 207 1.34 -8.86 26.82
CA PHE B 207 2.20 -9.68 27.66
C PHE B 207 3.44 -10.02 26.85
N GLU B 208 4.55 -9.36 27.15
CA GLU B 208 5.78 -9.52 26.39
C GLU B 208 6.62 -10.61 27.05
N LEU B 209 6.99 -11.63 26.28
CA LEU B 209 7.81 -12.72 26.80
C LEU B 209 9.10 -12.75 25.99
N LEU B 210 10.17 -12.19 26.55
CA LEU B 210 11.50 -12.27 25.96
C LEU B 210 12.30 -13.35 26.66
N HIS B 211 13.37 -13.79 25.99
CA HIS B 211 14.39 -14.64 26.60
C HIS B 211 15.27 -13.75 27.48
N ALA B 212 14.74 -13.43 28.65
CA ALA B 212 15.32 -12.46 29.57
C ALA B 212 14.59 -12.62 30.91
N PRO B 213 15.16 -12.13 32.01
CA PRO B 213 14.50 -12.28 33.31
C PRO B 213 13.13 -11.61 33.32
N ALA B 214 12.15 -12.33 33.87
CA ALA B 214 10.80 -11.79 33.98
C ALA B 214 10.77 -10.71 35.05
N THR B 215 9.98 -9.65 34.81
CA THR B 215 9.83 -8.60 35.82
C THR B 215 8.39 -8.38 36.24
N VAL B 216 7.43 -9.05 35.62
CA VAL B 216 6.02 -8.92 36.01
C VAL B 216 5.47 -10.31 36.23
N CYS B 217 5.20 -10.65 37.49
CA CYS B 217 4.63 -11.94 37.85
C CYS B 217 3.35 -11.75 38.63
N GLY B 218 2.54 -12.80 38.68
CA GLY B 218 1.37 -12.84 39.53
C GLY B 218 1.75 -12.94 40.99
N PRO B 219 0.76 -12.79 41.88
CA PRO B 219 1.06 -12.84 43.32
C PRO B 219 1.66 -14.16 43.78
N LYS B 220 1.08 -15.28 43.35
CA LYS B 220 1.60 -16.61 43.67
C LYS B 220 1.80 -16.83 45.18
N GLN C 1 10.26 -20.88 16.84
CA GLN C 1 11.58 -20.29 17.04
C GLN C 1 11.97 -19.40 15.87
N VAL C 2 12.16 -18.11 16.16
CA VAL C 2 12.40 -17.14 15.10
C VAL C 2 13.72 -17.47 14.41
N ARG C 3 13.68 -17.56 13.09
CA ARG C 3 14.89 -17.82 12.31
C ARG C 3 14.84 -17.00 11.04
N LEU C 4 15.97 -16.38 10.71
CA LEU C 4 16.17 -15.66 9.45
C LEU C 4 17.29 -16.37 8.70
N VAL C 5 16.96 -16.94 7.56
CA VAL C 5 17.93 -17.71 6.77
C VAL C 5 18.17 -16.95 5.47
N GLN C 6 19.42 -16.59 5.23
CA GLN C 6 19.76 -15.81 4.06
C GLN C 6 20.33 -16.70 2.97
N SER C 7 20.27 -16.20 1.75
CA SER C 7 20.79 -16.93 0.61
C SER C 7 22.31 -16.97 0.65
N GLY C 8 22.90 -17.84 -0.18
CA GLY C 8 24.31 -18.13 -0.13
C GLY C 8 25.17 -17.01 -0.71
N ALA C 9 26.49 -17.17 -0.50
CA ALA C 9 27.43 -16.13 -0.92
C ALA C 9 27.39 -15.92 -2.43
N GLU C 10 27.63 -14.68 -2.85
CA GLU C 10 27.54 -14.28 -4.24
C GLU C 10 28.88 -13.70 -4.69
N VAL C 11 29.34 -14.12 -5.87
CA VAL C 11 30.51 -13.54 -6.50
C VAL C 11 30.04 -12.97 -7.83
N LYS C 12 30.16 -11.66 -7.99
CA LYS C 12 29.57 -10.95 -9.12
C LYS C 12 30.60 -10.02 -9.73
N LYS C 13 30.40 -9.73 -11.02
CA LYS C 13 31.19 -8.72 -11.72
C LYS C 13 30.51 -7.37 -11.63
N SER C 14 31.31 -6.32 -11.63
CA SER C 14 30.77 -4.96 -11.61
C SER C 14 29.83 -4.76 -12.79
N GLY C 15 28.68 -4.14 -12.52
CA GLY C 15 27.68 -3.91 -13.54
C GLY C 15 26.60 -4.97 -13.65
N GLU C 16 26.76 -6.10 -12.98
CA GLU C 16 25.72 -7.11 -12.99
C GLU C 16 24.63 -6.76 -11.98
N SER C 17 23.46 -7.37 -12.17
CA SER C 17 22.37 -7.26 -11.21
C SER C 17 22.46 -8.38 -10.18
N LEU C 18 21.87 -8.15 -9.02
CA LEU C 18 21.90 -9.16 -7.98
C LEU C 18 20.68 -9.02 -7.09
N LYS C 19 20.10 -10.17 -6.72
CA LYS C 19 19.01 -10.22 -5.77
C LYS C 19 19.35 -11.27 -4.72
N ILE C 20 19.46 -10.84 -3.46
CA ILE C 20 19.71 -11.76 -2.35
C ILE C 20 18.46 -11.79 -1.47
N SER C 21 18.34 -12.84 -0.67
CA SER C 21 17.09 -13.12 0.02
C SER C 21 17.32 -13.42 1.50
N CYS C 22 16.24 -13.25 2.26
CA CYS C 22 16.21 -13.52 3.68
C CYS C 22 14.85 -14.12 3.96
N LYS C 23 14.82 -15.37 4.39
CA LYS C 23 13.58 -16.10 4.61
C LYS C 23 13.31 -16.22 6.09
N GLY C 24 12.13 -15.77 6.52
CA GLY C 24 11.74 -15.87 7.91
C GLY C 24 10.95 -17.14 8.20
N SER C 25 11.13 -17.67 9.39
CA SER C 25 10.37 -18.84 9.81
C SER C 25 10.23 -18.82 11.32
N GLY C 26 9.26 -19.57 11.83
CA GLY C 26 9.04 -19.69 13.24
C GLY C 26 8.26 -18.57 13.88
N TYR C 27 7.63 -17.71 13.09
CA TYR C 27 6.84 -16.60 13.63
C TYR C 27 5.95 -16.06 12.51
N SER C 28 5.12 -15.08 12.86
CA SER C 28 4.18 -14.44 11.93
C SER C 28 4.94 -13.47 11.04
N PHE C 29 5.27 -13.91 9.82
CA PHE C 29 6.21 -13.14 9.01
C PHE C 29 5.66 -11.77 8.63
N THR C 30 4.36 -11.66 8.42
CA THR C 30 3.77 -10.40 7.99
C THR C 30 3.44 -9.46 9.15
N SER C 31 3.89 -9.76 10.37
CA SER C 31 3.57 -8.93 11.52
C SER C 31 4.77 -8.13 12.01
N TYR C 32 5.92 -8.22 11.35
CA TYR C 32 7.16 -7.61 11.83
C TYR C 32 7.94 -6.98 10.68
N TRP C 33 8.48 -5.79 10.92
CA TRP C 33 9.51 -5.24 10.05
C TRP C 33 10.71 -6.18 9.98
N ILE C 34 11.36 -6.22 8.82
CA ILE C 34 12.66 -6.85 8.67
C ILE C 34 13.64 -5.80 8.19
N GLY C 35 14.82 -5.76 8.81
CA GLY C 35 15.84 -4.79 8.45
C GLY C 35 16.98 -5.41 7.68
N TRP C 36 17.67 -4.59 6.90
CA TRP C 36 18.87 -5.00 6.19
C TRP C 36 20.02 -4.12 6.66
N VAL C 37 21.18 -4.74 6.84
CA VAL C 37 22.37 -4.08 7.37
C VAL C 37 23.53 -4.43 6.46
N ARG C 38 24.29 -3.41 6.05
CA ARG C 38 25.50 -3.64 5.26
C ARG C 38 26.74 -3.59 6.15
N GLN C 39 27.72 -4.44 5.84
CA GLN C 39 29.02 -4.36 6.50
C GLN C 39 30.10 -4.59 5.46
N MET C 40 30.73 -3.51 5.03
CA MET C 40 31.84 -3.60 4.10
C MET C 40 33.06 -4.19 4.82
N PRO C 41 33.98 -4.81 4.08
CA PRO C 41 35.12 -5.50 4.72
C PRO C 41 35.90 -4.60 5.66
N GLY C 42 36.04 -5.02 6.91
CA GLY C 42 36.75 -4.25 7.91
C GLY C 42 36.07 -2.98 8.34
N LYS C 43 34.79 -2.78 8.02
CA LYS C 43 34.06 -1.56 8.36
C LYS C 43 32.90 -1.89 9.30
N GLY C 44 32.16 -0.85 9.67
CA GLY C 44 31.09 -0.99 10.65
C GLY C 44 29.76 -1.40 10.05
N LEU C 45 28.80 -1.66 10.95
CA LEU C 45 27.43 -1.92 10.54
C LEU C 45 26.78 -0.65 10.02
N GLU C 46 26.08 -0.75 8.90
CA GLU C 46 25.29 0.37 8.38
C GLU C 46 23.87 -0.13 8.15
N TRP C 47 22.91 0.52 8.82
CA TRP C 47 21.52 0.16 8.62
C TRP C 47 21.06 0.65 7.26
N MET C 48 20.53 -0.26 6.45
CA MET C 48 20.16 0.09 5.08
C MET C 48 18.69 0.49 4.99
N GLY C 49 17.82 -0.22 5.68
CA GLY C 49 16.40 0.06 5.58
C GLY C 49 15.63 -1.11 6.13
N ILE C 50 14.31 -0.94 6.15
CA ILE C 50 13.40 -1.96 6.66
C ILE C 50 12.24 -2.08 5.70
N ILE C 51 11.60 -3.24 5.71
CA ILE C 51 10.38 -3.46 4.96
C ILE C 51 9.39 -4.19 5.88
N TYR C 52 8.13 -3.82 5.76
CA TYR C 52 7.07 -4.52 6.46
C TYR C 52 6.46 -5.50 5.50
N PRO C 53 6.71 -6.81 5.64
CA PRO C 53 6.30 -7.75 4.57
C PRO C 53 4.79 -7.83 4.37
N GLY C 54 3.99 -7.47 5.38
CA GLY C 54 2.54 -7.53 5.22
C GLY C 54 2.04 -6.65 4.09
N ASP C 55 2.64 -5.46 3.93
CA ASP C 55 2.16 -4.52 2.92
C ASP C 55 3.29 -3.89 2.12
N SER C 56 4.52 -4.35 2.30
CA SER C 56 5.71 -3.88 1.58
C SER C 56 6.00 -2.41 1.81
N ASP C 57 5.47 -1.84 2.89
CA ASP C 57 5.92 -0.53 3.33
C ASP C 57 7.42 -0.61 3.55
N THR C 58 8.17 0.28 2.91
CA THR C 58 9.62 0.28 2.98
CA THR C 58 9.62 0.26 2.97
C THR C 58 10.11 1.61 3.47
N ARG C 59 11.12 1.58 4.33
CA ARG C 59 11.77 2.79 4.83
C ARG C 59 13.25 2.58 4.58
N TYR C 60 13.83 3.39 3.71
CA TYR C 60 15.26 3.31 3.44
C TYR C 60 16.01 4.32 4.28
N SER C 61 17.22 3.94 4.68
CA SER C 61 18.16 4.91 5.23
C SER C 61 18.39 6.02 4.21
N PRO C 62 18.54 7.27 4.65
CA PRO C 62 18.89 8.34 3.71
C PRO C 62 20.11 8.03 2.87
N SER C 63 21.05 7.23 3.39
CA SER C 63 22.26 6.89 2.66
C SER C 63 22.05 5.77 1.65
N PHE C 64 20.95 5.04 1.73
CA PHE C 64 20.69 3.95 0.79
C PHE C 64 19.46 4.22 -0.09
N GLN C 65 18.75 5.32 0.13
CA GLN C 65 17.59 5.66 -0.67
C GLN C 65 17.97 5.75 -2.14
N GLY C 66 17.31 4.93 -2.98
CA GLY C 66 17.60 4.89 -4.40
C GLY C 66 18.84 4.09 -4.79
N GLN C 67 19.55 3.52 -3.84
CA GLN C 67 20.79 2.81 -4.13
C GLN C 67 20.61 1.31 -4.15
N VAL C 68 19.46 0.83 -3.66
CA VAL C 68 19.18 -0.59 -3.53
C VAL C 68 17.67 -0.68 -3.42
N THR C 69 17.11 -1.82 -3.81
CA THR C 69 15.68 -2.04 -3.66
C THR C 69 15.44 -3.15 -2.65
N ILE C 70 14.68 -2.83 -1.60
CA ILE C 70 14.20 -3.83 -0.65
C ILE C 70 12.79 -4.21 -1.07
N SER C 71 12.51 -5.52 -1.13
CA SER C 71 11.20 -5.99 -1.52
C SER C 71 10.82 -7.19 -0.67
N ALA C 72 9.57 -7.63 -0.80
CA ALA C 72 9.08 -8.73 -0.01
C ALA C 72 8.16 -9.60 -0.86
N ASP C 73 8.21 -10.90 -0.62
CA ASP C 73 7.24 -11.84 -1.15
C ASP C 73 6.67 -12.58 0.06
N LYS C 74 5.56 -12.07 0.60
CA LYS C 74 5.01 -12.66 1.82
C LYS C 74 4.46 -14.06 1.59
N SER C 75 4.10 -14.42 0.35
CA SER C 75 3.61 -15.77 0.09
C SER C 75 4.63 -16.84 0.42
N ILE C 76 5.93 -16.50 0.43
CA ILE C 76 6.98 -17.44 0.78
C ILE C 76 7.85 -16.91 1.93
N SER C 77 7.33 -15.95 2.68
CA SER C 77 7.98 -15.45 3.90
C SER C 77 9.42 -15.00 3.63
N THR C 78 9.62 -14.26 2.55
CA THR C 78 10.97 -13.86 2.16
C THR C 78 11.02 -12.36 1.86
N VAL C 79 12.12 -11.73 2.25
CA VAL C 79 12.40 -10.37 1.82
C VAL C 79 13.72 -10.40 1.06
N TYR C 80 13.93 -9.37 0.25
CA TYR C 80 15.02 -9.37 -0.72
C TYR C 80 15.72 -8.04 -0.70
N LEU C 81 16.98 -8.07 -1.08
CA LEU C 81 17.79 -6.90 -1.40
C LEU C 81 18.20 -7.03 -2.86
N GLN C 82 18.01 -5.97 -3.64
CA GLN C 82 18.28 -6.07 -5.08
C GLN C 82 19.05 -4.85 -5.58
N TRP C 83 20.01 -5.11 -6.46
CA TRP C 83 20.77 -4.07 -7.16
C TRP C 83 20.60 -4.27 -8.64
N SER C 84 20.38 -3.18 -9.36
CA SER C 84 20.30 -3.28 -10.81
C SER C 84 21.68 -3.36 -11.45
N SER C 85 22.67 -2.66 -10.86
CA SER C 85 24.00 -2.58 -11.47
C SER C 85 25.02 -2.49 -10.34
N LEU C 86 25.64 -3.61 -10.02
CA LEU C 86 26.55 -3.68 -8.89
C LEU C 86 27.82 -2.89 -9.16
N LYS C 87 28.35 -2.26 -8.11
CA LYS C 87 29.63 -1.58 -8.12
C LYS C 87 30.57 -2.30 -7.17
N ALA C 88 31.88 -2.08 -7.37
CA ALA C 88 32.88 -2.69 -6.50
C ALA C 88 32.64 -2.31 -5.04
N SER C 89 32.17 -1.08 -4.80
CA SER C 89 31.89 -0.60 -3.45
C SER C 89 30.72 -1.34 -2.79
N ASP C 90 29.95 -2.13 -3.53
CA ASP C 90 28.89 -2.92 -2.90
C ASP C 90 29.42 -4.20 -2.27
N THR C 91 30.71 -4.50 -2.41
CA THR C 91 31.29 -5.65 -1.73
C THR C 91 31.10 -5.50 -0.24
N ALA C 92 30.44 -6.47 0.37
CA ALA C 92 30.10 -6.37 1.79
C ALA C 92 29.44 -7.66 2.22
N MET C 93 29.37 -7.84 3.54
CA MET C 93 28.40 -8.73 4.15
C MET C 93 27.08 -7.99 4.30
N TYR C 94 25.98 -8.68 3.97
CA TYR C 94 24.64 -8.11 4.13
C TYR C 94 23.88 -8.97 5.12
N TYR C 95 23.36 -8.35 6.17
CA TYR C 95 22.56 -9.06 7.16
C TYR C 95 21.11 -8.65 7.04
N CYS C 96 20.21 -9.61 7.24
CA CYS C 96 18.87 -9.21 7.64
C CYS C 96 18.72 -9.43 9.14
N ALA C 97 17.78 -8.69 9.71
CA ALA C 97 17.64 -8.67 11.16
C ALA C 97 16.19 -8.33 11.50
N ARG C 98 15.76 -8.75 12.69
CA ARG C 98 14.41 -8.45 13.13
C ARG C 98 14.45 -8.02 14.58
N GLN C 99 13.60 -7.06 14.93
CA GLN C 99 13.53 -6.62 16.31
C GLN C 99 13.08 -7.78 17.19
N TRP C 100 13.39 -7.67 18.47
CA TRP C 100 13.13 -8.76 19.39
C TRP C 100 11.63 -9.04 19.51
N SER C 101 10.83 -7.99 19.68
CA SER C 101 9.40 -8.20 19.81
C SER C 101 8.66 -6.95 19.34
N HIS C 102 7.33 -6.99 19.39
CA HIS C 102 6.54 -5.80 19.07
C HIS C 102 6.85 -4.64 20.00
N TYR C 103 7.44 -4.91 21.15
CA TYR C 103 7.67 -3.90 22.18
C TYR C 103 9.14 -3.62 22.41
N THR C 104 10.03 -4.44 21.87
CA THR C 104 11.47 -4.32 22.12
C THR C 104 12.11 -4.16 20.75
N TYR C 105 12.56 -2.95 20.46
CA TYR C 105 12.88 -2.54 19.09
C TYR C 105 14.29 -2.93 18.68
N ASP C 106 15.10 -3.38 19.62
CA ASP C 106 16.48 -3.74 19.36
C ASP C 106 16.55 -4.99 18.51
N TYR C 107 17.61 -5.09 17.69
CA TYR C 107 17.75 -6.21 16.75
C TYR C 107 18.33 -7.41 17.48
N TYR C 108 17.44 -8.24 18.01
CA TYR C 108 17.87 -9.46 18.68
C TYR C 108 18.10 -10.60 17.71
N TYR C 109 17.37 -10.64 16.60
CA TYR C 109 17.43 -11.74 15.65
C TYR C 109 18.19 -11.32 14.40
N TRP C 110 19.18 -12.13 13.99
CA TRP C 110 20.01 -11.83 12.84
C TRP C 110 20.06 -13.03 11.92
N GLY C 111 20.01 -12.78 10.62
CA GLY C 111 20.36 -13.79 9.66
C GLY C 111 21.84 -14.10 9.75
N GLN C 112 22.26 -15.16 9.06
CA GLN C 112 23.67 -15.53 9.14
C GLN C 112 24.55 -14.69 8.22
N GLY C 113 23.96 -13.77 7.46
CA GLY C 113 24.72 -12.94 6.54
C GLY C 113 24.85 -13.57 5.17
N THR C 114 24.87 -12.72 4.14
CA THR C 114 25.21 -13.11 2.78
C THR C 114 26.42 -12.29 2.35
N LEU C 115 27.50 -12.97 1.99
CA LEU C 115 28.70 -12.31 1.51
C LEU C 115 28.56 -12.04 0.02
N VAL C 116 28.70 -10.78 -0.36
CA VAL C 116 28.62 -10.36 -1.76
C VAL C 116 29.98 -9.79 -2.14
N THR C 117 30.66 -10.42 -3.08
CA THR C 117 31.98 -10.00 -3.49
C THR C 117 31.91 -9.55 -4.94
N ILE C 118 32.33 -8.32 -5.19
CA ILE C 118 32.29 -7.71 -6.52
C ILE C 118 33.72 -7.62 -7.04
N SER C 119 34.01 -8.32 -8.13
CA SER C 119 35.34 -8.29 -8.73
C SER C 119 35.27 -8.58 -10.23
N SER C 122 39.83 -10.17 -13.90
CA SER C 122 40.76 -10.69 -14.89
C SER C 122 42.11 -10.99 -14.27
N THR C 123 42.67 -12.16 -14.58
CA THR C 123 43.98 -12.54 -14.04
C THR C 123 45.04 -11.59 -14.56
N LYS C 124 45.84 -11.04 -13.62
CA LYS C 124 46.84 -10.04 -13.96
C LYS C 124 48.13 -10.32 -13.20
N GLY C 125 49.25 -10.12 -13.87
CA GLY C 125 50.54 -10.24 -13.24
C GLY C 125 50.94 -8.97 -12.54
N PRO C 126 51.79 -9.09 -11.52
CA PRO C 126 52.16 -7.91 -10.73
C PRO C 126 53.22 -7.04 -11.41
N SER C 127 53.15 -5.75 -11.10
CA SER C 127 54.21 -4.81 -11.45
C SER C 127 55.04 -4.57 -10.20
N VAL C 128 56.36 -4.72 -10.33
CA VAL C 128 57.28 -4.61 -9.20
C VAL C 128 58.06 -3.31 -9.33
N PHE C 129 58.12 -2.55 -8.22
CA PHE C 129 58.85 -1.30 -8.18
C PHE C 129 59.73 -1.26 -6.94
N PRO C 130 60.97 -0.80 -7.08
CA PRO C 130 61.89 -0.78 -5.94
C PRO C 130 61.64 0.40 -5.02
N LEU C 131 61.91 0.19 -3.74
CA LEU C 131 61.77 1.22 -2.71
C LEU C 131 63.16 1.48 -2.13
N ALA C 132 63.80 2.57 -2.58
CA ALA C 132 65.17 2.89 -2.21
C ALA C 132 65.23 3.53 -0.83
N PRO C 133 66.33 3.34 -0.10
CA PRO C 133 66.47 3.97 1.22
C PRO C 133 66.80 5.45 1.10
N SER C 134 66.82 6.11 2.26
CA SER C 134 67.08 7.53 2.35
C SER C 134 68.50 7.87 1.91
N THR C 142 71.39 1.07 10.41
CA THR C 142 70.40 0.20 9.76
C THR C 142 69.54 1.00 8.78
N ALA C 143 69.54 0.55 7.52
CA ALA C 143 68.76 1.19 6.47
C ALA C 143 67.53 0.36 6.13
N ALA C 144 66.62 0.95 5.36
CA ALA C 144 65.34 0.33 5.02
C ALA C 144 65.14 0.41 3.51
N LEU C 145 65.05 -0.75 2.86
CA LEU C 145 64.80 -0.84 1.44
C LEU C 145 63.87 -2.01 1.16
N GLY C 146 63.10 -1.90 0.09
CA GLY C 146 62.17 -2.95 -0.27
C GLY C 146 61.68 -2.81 -1.69
N CYS C 147 60.62 -3.55 -2.02
CA CYS C 147 60.01 -3.51 -3.33
C CYS C 147 58.50 -3.56 -3.19
N LEU C 148 57.82 -2.87 -4.11
CA LEU C 148 56.37 -2.75 -4.11
C LEU C 148 55.79 -3.65 -5.19
N VAL C 149 54.97 -4.62 -4.79
CA VAL C 149 54.30 -5.53 -5.71
C VAL C 149 52.89 -4.98 -5.92
N LYS C 150 52.60 -4.55 -7.15
CA LYS C 150 51.38 -3.79 -7.43
C LYS C 150 50.47 -4.54 -8.39
N ASP C 151 49.18 -4.59 -8.05
CA ASP C 151 48.11 -4.98 -8.98
C ASP C 151 48.28 -6.39 -9.54
N TYR C 152 47.84 -7.39 -8.78
CA TYR C 152 47.91 -8.77 -9.24
C TYR C 152 46.72 -9.54 -8.69
N PHE C 153 46.38 -10.65 -9.37
CA PHE C 153 45.30 -11.50 -8.92
C PHE C 153 45.53 -12.91 -9.45
N PRO C 154 45.33 -13.96 -8.63
CA PRO C 154 45.02 -13.83 -7.21
C PRO C 154 46.21 -14.09 -6.31
N GLU C 155 45.96 -14.20 -5.00
CA GLU C 155 46.98 -14.68 -4.09
C GLU C 155 47.29 -16.14 -4.39
N PRO C 156 48.50 -16.61 -4.05
CA PRO C 156 49.56 -15.91 -3.35
C PRO C 156 50.65 -15.36 -4.26
N VAL C 157 51.58 -14.61 -3.66
CA VAL C 157 52.78 -14.16 -4.34
C VAL C 157 53.96 -14.39 -3.39
N THR C 158 55.01 -15.01 -3.90
CA THR C 158 56.19 -15.32 -3.10
C THR C 158 57.26 -14.27 -3.37
N VAL C 159 57.89 -13.78 -2.32
CA VAL C 159 58.95 -12.78 -2.42
C VAL C 159 60.21 -13.35 -1.78
N SER C 160 61.32 -13.23 -2.49
CA SER C 160 62.63 -13.62 -1.98
C SER C 160 63.58 -12.43 -2.17
N TRP C 161 64.74 -12.52 -1.52
CA TRP C 161 65.77 -11.50 -1.63
C TRP C 161 67.12 -12.17 -1.88
N ASN C 162 67.78 -11.75 -2.96
CA ASN C 162 69.06 -12.32 -3.38
C ASN C 162 68.95 -13.84 -3.52
N SER C 163 67.90 -14.26 -4.23
CA SER C 163 67.62 -15.68 -4.49
C SER C 163 67.48 -16.48 -3.19
N GLY C 164 67.01 -15.83 -2.12
CA GLY C 164 66.81 -16.49 -0.85
C GLY C 164 67.98 -16.46 0.10
N ALA C 165 69.09 -15.82 -0.28
CA ALA C 165 70.26 -15.75 0.58
C ALA C 165 70.18 -14.62 1.61
N LEU C 166 69.24 -13.70 1.46
CA LEU C 166 69.01 -12.63 2.42
C LEU C 166 67.65 -12.86 3.05
N THR C 167 67.64 -13.35 4.29
CA THR C 167 66.42 -13.63 5.02
C THR C 167 66.32 -12.89 6.35
N SER C 168 67.44 -12.65 7.03
CA SER C 168 67.42 -11.92 8.29
C SER C 168 67.08 -10.45 8.04
N GLY C 169 65.95 -10.00 8.60
CA GLY C 169 65.52 -8.63 8.44
C GLY C 169 64.48 -8.41 7.37
N VAL C 170 64.09 -9.45 6.64
CA VAL C 170 63.09 -9.32 5.58
C VAL C 170 61.71 -9.48 6.19
N HIS C 171 60.85 -8.48 5.97
CA HIS C 171 59.45 -8.53 6.40
C HIS C 171 58.58 -8.33 5.18
N THR C 172 57.92 -9.41 4.74
CA THR C 172 56.96 -9.34 3.64
C THR C 172 55.57 -9.18 4.25
N PHE C 173 54.95 -8.04 3.98
CA PHE C 173 53.64 -7.74 4.55
C PHE C 173 52.55 -8.53 3.83
N PRO C 174 51.47 -8.86 4.53
CA PRO C 174 50.31 -9.43 3.84
C PRO C 174 49.72 -8.43 2.85
N ALA C 175 49.22 -8.96 1.74
CA ALA C 175 48.71 -8.12 0.67
C ALA C 175 47.43 -7.42 1.10
N VAL C 176 47.18 -6.26 0.51
CA VAL C 176 45.92 -5.56 0.66
C VAL C 176 45.01 -5.97 -0.49
N LEU C 177 43.76 -6.28 -0.17
CA LEU C 177 42.75 -6.60 -1.18
C LEU C 177 42.05 -5.29 -1.53
N GLN C 178 42.53 -4.63 -2.58
CA GLN C 178 41.98 -3.36 -3.01
C GLN C 178 40.53 -3.54 -3.45
N SER C 179 39.84 -2.41 -3.60
CA SER C 179 38.43 -2.43 -4.01
C SER C 179 38.29 -2.98 -5.42
N SER C 180 39.28 -2.79 -6.28
CA SER C 180 39.22 -3.26 -7.66
C SER C 180 39.22 -4.78 -7.76
N GLY C 181 39.55 -5.49 -6.69
CA GLY C 181 39.73 -6.92 -6.72
C GLY C 181 41.16 -7.37 -6.87
N LEU C 182 42.06 -6.46 -7.22
CA LEU C 182 43.48 -6.77 -7.35
C LEU C 182 44.19 -6.61 -6.02
N TYR C 183 45.29 -7.35 -5.86
CA TYR C 183 46.11 -7.29 -4.66
C TYR C 183 47.33 -6.40 -4.90
N SER C 184 47.82 -5.82 -3.81
CA SER C 184 49.10 -5.12 -3.81
C SER C 184 49.79 -5.45 -2.49
N LEU C 185 51.09 -5.71 -2.56
CA LEU C 185 51.86 -6.21 -1.43
C LEU C 185 53.22 -5.53 -1.40
N SER C 186 53.78 -5.41 -0.20
CA SER C 186 55.10 -4.80 -0.03
C SER C 186 55.98 -5.71 0.81
N SER C 187 57.25 -5.81 0.42
CA SER C 187 58.26 -6.55 1.17
C SER C 187 59.47 -5.66 1.36
N VAL C 188 59.95 -5.56 2.60
CA VAL C 188 61.10 -4.72 2.93
C VAL C 188 62.10 -5.52 3.74
N VAL C 189 63.37 -5.14 3.63
CA VAL C 189 64.45 -5.74 4.38
C VAL C 189 65.24 -4.63 5.07
N THR C 190 65.65 -4.87 6.32
CA THR C 190 66.49 -3.95 7.06
C THR C 190 67.93 -4.45 6.98
N VAL C 191 68.81 -3.62 6.44
CA VAL C 191 70.19 -4.01 6.19
C VAL C 191 71.13 -2.98 6.84
N PRO C 192 72.36 -3.36 7.21
CA PRO C 192 73.28 -2.37 7.79
C PRO C 192 73.66 -1.31 6.76
N SER C 193 73.68 -0.06 7.21
CA SER C 193 73.93 1.06 6.31
C SER C 193 75.33 1.03 5.70
N SER C 194 76.25 0.24 6.28
CA SER C 194 77.60 0.16 5.74
C SER C 194 77.65 -0.65 4.44
N SER C 195 76.65 -1.47 4.16
CA SER C 195 76.60 -2.28 2.96
C SER C 195 75.76 -1.65 1.85
N LEU C 196 75.50 -0.33 1.95
CA LEU C 196 74.70 0.34 0.93
C LEU C 196 75.45 0.54 -0.37
N GLY C 197 76.78 0.45 -0.36
CA GLY C 197 77.56 0.60 -1.57
C GLY C 197 78.20 -0.70 -2.01
N THR C 198 78.30 -1.66 -1.10
CA THR C 198 78.90 -2.95 -1.40
C THR C 198 77.85 -3.97 -1.83
N GLN C 199 76.85 -4.21 -0.99
CA GLN C 199 75.84 -5.22 -1.25
C GLN C 199 74.76 -4.68 -2.18
N THR C 200 74.51 -5.41 -3.27
CA THR C 200 73.43 -5.10 -4.19
C THR C 200 72.23 -5.99 -3.84
N TYR C 201 71.10 -5.35 -3.51
CA TYR C 201 69.91 -6.06 -3.05
C TYR C 201 68.89 -6.12 -4.19
N ILE C 202 68.60 -7.33 -4.65
CA ILE C 202 67.61 -7.57 -5.69
C ILE C 202 66.44 -8.31 -5.08
N CYS C 203 65.23 -7.84 -5.37
CA CYS C 203 64.00 -8.45 -4.86
C CYS C 203 63.42 -9.36 -5.93
N ASN C 204 63.09 -10.59 -5.53
CA ASN C 204 62.65 -11.64 -6.45
C ASN C 204 61.19 -11.95 -6.18
N VAL C 205 60.34 -11.65 -7.17
CA VAL C 205 58.89 -11.76 -7.04
C VAL C 205 58.39 -12.81 -8.02
N ASN C 206 57.71 -13.82 -7.49
CA ASN C 206 57.14 -14.89 -8.31
C ASN C 206 55.64 -14.96 -8.05
N HIS C 207 54.85 -15.02 -9.13
CA HIS C 207 53.40 -15.12 -9.08
C HIS C 207 52.99 -16.29 -9.96
N LYS C 208 52.56 -17.39 -9.32
CA LYS C 208 52.32 -18.62 -10.07
C LYS C 208 51.11 -18.53 -11.00
N PRO C 209 49.93 -18.00 -10.58
CA PRO C 209 48.75 -18.06 -11.46
C PRO C 209 48.88 -17.32 -12.78
N SER C 210 49.99 -16.62 -12.99
CA SER C 210 50.22 -15.94 -14.26
C SER C 210 51.61 -16.21 -14.84
N ASN C 211 52.45 -16.98 -14.15
CA ASN C 211 53.80 -17.30 -14.60
C ASN C 211 54.61 -16.01 -14.85
N THR C 212 54.76 -15.22 -13.79
CA THR C 212 55.49 -13.95 -13.85
C THR C 212 56.51 -13.92 -12.72
N LYS C 213 57.76 -14.22 -13.06
CA LYS C 213 58.88 -14.10 -12.13
C LYS C 213 59.67 -12.84 -12.46
N VAL C 214 59.73 -11.91 -11.52
CA VAL C 214 60.36 -10.61 -11.72
C VAL C 214 61.47 -10.42 -10.69
N ASP C 215 62.58 -9.86 -11.12
CA ASP C 215 63.69 -9.50 -10.24
C ASP C 215 63.99 -8.01 -10.42
N LYS C 216 63.88 -7.24 -9.34
CA LYS C 216 64.06 -5.79 -9.38
C LYS C 216 65.20 -5.40 -8.45
N LYS C 217 66.21 -4.73 -8.99
CA LYS C 217 67.32 -4.25 -8.18
C LYS C 217 66.92 -2.98 -7.43
N VAL C 218 67.39 -2.86 -6.19
CA VAL C 218 67.04 -1.75 -5.31
C VAL C 218 68.34 -1.05 -4.92
N GLU C 219 68.62 0.09 -5.58
CA GLU C 219 69.81 0.89 -5.34
C GLU C 219 69.44 2.20 -4.65
N PRO C 220 70.30 2.71 -3.75
CA PRO C 220 70.02 3.93 -2.99
C PRO C 220 69.88 5.18 -3.85
N SER D 2 -24.38 -11.82 -2.27
CA SER D 2 -25.60 -11.63 -3.04
C SER D 2 -26.03 -10.17 -3.00
N VAL D 3 -26.72 -9.72 -4.05
CA VAL D 3 -27.31 -8.38 -4.04
C VAL D 3 -28.10 -8.21 -2.75
N LEU D 4 -28.00 -7.04 -2.15
CA LEU D 4 -28.75 -6.74 -0.94
C LEU D 4 -30.21 -6.46 -1.30
N THR D 5 -31.14 -6.95 -0.47
CA THR D 5 -32.55 -6.92 -0.81
C THR D 5 -33.16 -5.58 -0.39
N GLN D 6 -33.69 -4.84 -1.36
CA GLN D 6 -34.45 -3.62 -1.14
C GLN D 6 -35.86 -3.77 -1.70
N PRO D 7 -36.84 -3.05 -1.16
CA PRO D 7 -38.16 -3.03 -1.80
C PRO D 7 -38.03 -2.44 -3.20
N ARG D 8 -38.90 -2.92 -4.11
CA ARG D 8 -38.84 -2.41 -5.48
C ARG D 8 -39.18 -0.93 -5.52
N SER D 9 -40.13 -0.49 -4.69
CA SER D 9 -40.64 0.86 -4.81
C SER D 9 -41.17 1.34 -3.47
N VAL D 10 -41.18 2.66 -3.32
CA VAL D 10 -41.79 3.32 -2.18
C VAL D 10 -42.32 4.66 -2.67
N SER D 11 -43.33 5.18 -2.00
CA SER D 11 -43.93 6.44 -2.41
C SER D 11 -44.28 7.28 -1.19
N GLY D 12 -44.34 8.58 -1.41
CA GLY D 12 -44.81 9.50 -0.39
C GLY D 12 -45.16 10.83 -1.00
N SER D 13 -45.90 11.63 -0.22
CA SER D 13 -46.25 13.01 -0.58
C SER D 13 -45.24 13.98 0.02
N PRO D 14 -45.06 15.16 -0.58
CA PRO D 14 -44.14 16.15 0.00
C PRO D 14 -44.43 16.42 1.46
N GLY D 15 -43.36 16.40 2.27
CA GLY D 15 -43.45 16.65 3.69
C GLY D 15 -43.53 15.39 4.54
N GLN D 16 -43.84 14.26 3.93
CA GLN D 16 -43.95 13.00 4.65
C GLN D 16 -42.57 12.40 4.88
N SER D 17 -42.54 11.35 5.71
CA SER D 17 -41.35 10.51 5.83
C SER D 17 -41.50 9.30 4.92
N VAL D 18 -40.39 8.89 4.34
CA VAL D 18 -40.31 7.69 3.52
C VAL D 18 -39.14 6.88 4.02
N THR D 19 -39.30 5.56 4.05
CA THR D 19 -38.23 4.68 4.51
C THR D 19 -37.99 3.59 3.49
N ILE D 20 -36.72 3.19 3.39
CA ILE D 20 -36.27 2.17 2.46
C ILE D 20 -35.38 1.20 3.23
N SER D 21 -35.69 -0.09 3.17
CA SER D 21 -34.88 -1.09 3.86
C SER D 21 -33.84 -1.70 2.93
N CYS D 22 -32.82 -2.28 3.54
CA CYS D 22 -31.71 -2.88 2.80
C CYS D 22 -31.27 -4.09 3.61
N THR D 23 -31.62 -5.29 3.17
CA THR D 23 -31.35 -6.49 3.94
C THR D 23 -30.23 -7.30 3.30
N GLY D 24 -29.22 -7.62 4.09
CA GLY D 24 -28.11 -8.40 3.62
C GLY D 24 -27.95 -9.63 4.48
N THR D 25 -26.70 -10.02 4.74
CA THR D 25 -26.41 -11.21 5.51
C THR D 25 -25.48 -10.85 6.66
N SER D 26 -25.25 -11.83 7.53
CA SER D 26 -24.29 -11.67 8.61
C SER D 26 -22.87 -11.42 8.12
N SER D 27 -22.61 -11.56 6.82
CA SER D 27 -21.29 -11.32 6.26
C SER D 27 -21.15 -9.95 5.61
N ASP D 28 -22.24 -9.22 5.40
CA ASP D 28 -22.11 -7.85 4.90
C ASP D 28 -22.83 -6.87 5.82
N VAL D 29 -24.10 -6.52 5.57
CA VAL D 29 -24.62 -5.43 6.39
C VAL D 29 -24.78 -5.83 7.85
N GLY D 30 -24.93 -7.12 8.16
CA GLY D 30 -24.98 -7.50 9.56
C GLY D 30 -23.63 -7.51 10.25
N ALA D 31 -22.54 -7.53 9.50
CA ALA D 31 -21.20 -7.56 10.09
C ALA D 31 -20.58 -6.18 10.29
N TYR D 32 -21.02 -5.16 9.56
CA TYR D 32 -20.27 -3.92 9.45
C TYR D 32 -21.20 -2.74 9.60
N ASN D 33 -20.66 -1.63 10.06
CA ASN D 33 -21.41 -0.39 10.04
C ASN D 33 -21.09 0.44 8.82
N TYR D 34 -20.27 -0.09 7.90
CA TYR D 34 -19.94 0.61 6.67
C TYR D 34 -21.07 0.34 5.68
N VAL D 35 -22.16 1.05 5.87
CA VAL D 35 -23.33 0.91 5.01
C VAL D 35 -23.61 2.28 4.43
N SER D 36 -23.72 2.35 3.11
CA SER D 36 -23.84 3.62 2.43
C SER D 36 -25.06 3.59 1.51
N TRP D 37 -25.55 4.78 1.20
CA TRP D 37 -26.69 4.94 0.31
C TRP D 37 -26.38 5.95 -0.78
N TYR D 38 -26.93 5.69 -1.96
CA TYR D 38 -26.78 6.52 -3.14
C TYR D 38 -28.15 6.83 -3.72
N GLN D 39 -28.25 8.02 -4.30
CA GLN D 39 -29.43 8.49 -4.99
C GLN D 39 -29.13 8.60 -6.48
N GLN D 40 -30.03 8.13 -7.33
CA GLN D 40 -29.79 8.24 -8.77
C GLN D 40 -31.03 8.78 -9.46
N HIS D 41 -30.89 9.93 -10.06
CA HIS D 41 -31.94 10.50 -10.87
C HIS D 41 -31.86 9.94 -12.27
N PRO D 42 -32.97 9.97 -13.02
CA PRO D 42 -32.98 9.40 -14.37
C PRO D 42 -31.88 9.98 -15.25
N GLY D 43 -31.10 9.09 -15.86
CA GLY D 43 -30.08 9.51 -16.79
C GLY D 43 -28.83 10.08 -16.15
N LYS D 44 -28.72 10.08 -14.83
CA LYS D 44 -27.61 10.69 -14.13
C LYS D 44 -26.80 9.64 -13.39
N ALA D 45 -25.56 10.00 -13.07
CA ALA D 45 -24.72 9.18 -12.22
C ALA D 45 -25.28 9.18 -10.80
N PRO D 46 -25.04 8.10 -10.03
CA PRO D 46 -25.46 8.11 -8.63
C PRO D 46 -24.80 9.22 -7.84
N LYS D 47 -25.47 9.62 -6.77
CA LYS D 47 -24.99 10.64 -5.86
C LYS D 47 -24.88 10.02 -4.47
N PHE D 48 -23.75 10.26 -3.82
CA PHE D 48 -23.45 9.73 -2.50
C PHE D 48 -24.31 10.45 -1.45
N MET D 49 -25.08 9.70 -0.65
CA MET D 49 -26.04 10.34 0.27
C MET D 49 -25.79 10.04 1.73
N ILE D 50 -25.39 8.80 2.05
CA ILE D 50 -25.24 8.35 3.43
C ILE D 50 -24.04 7.42 3.49
N TYR D 51 -23.28 7.50 4.58
CA TYR D 51 -22.26 6.50 4.88
C TYR D 51 -22.30 6.24 6.37
N ASP D 52 -21.65 5.15 6.80
CA ASP D 52 -21.62 4.78 8.22
C ASP D 52 -23.04 4.71 8.79
N VAL D 53 -23.96 4.18 7.97
CA VAL D 53 -25.38 3.99 8.29
C VAL D 53 -26.13 5.32 8.35
N ASP D 54 -25.59 6.32 9.05
CA ASP D 54 -26.41 7.51 9.26
C ASP D 54 -25.65 8.82 9.16
N GLN D 55 -24.46 8.82 8.57
CA GLN D 55 -23.71 10.07 8.38
C GLN D 55 -23.98 10.60 6.99
N ARG D 56 -23.96 11.92 6.85
CA ARG D 56 -24.19 12.53 5.56
C ARG D 56 -22.90 13.14 5.07
N PRO D 57 -22.52 12.86 3.83
CA PRO D 57 -21.38 13.56 3.23
C PRO D 57 -21.73 15.01 2.98
N SER D 58 -20.69 15.76 2.66
CA SER D 58 -20.82 17.20 2.49
C SER D 58 -21.92 17.53 1.47
N GLY D 59 -22.78 18.47 1.85
CA GLY D 59 -23.84 18.96 1.00
C GLY D 59 -25.15 18.20 1.00
N VAL D 60 -25.22 17.03 1.63
CA VAL D 60 -26.45 16.22 1.56
C VAL D 60 -27.45 16.75 2.60
N PRO D 61 -28.72 16.94 2.22
CA PRO D 61 -29.69 17.54 3.15
C PRO D 61 -29.86 16.70 4.41
N ASP D 62 -30.00 17.40 5.54
CA ASP D 62 -30.19 16.73 6.84
C ASP D 62 -31.40 15.84 6.86
N ARG D 63 -32.32 16.00 5.89
CA ARG D 63 -33.51 15.18 5.79
C ARG D 63 -33.19 13.70 5.60
N PHE D 64 -31.99 13.36 5.14
CA PHE D 64 -31.61 11.97 4.95
C PHE D 64 -30.89 11.45 6.18
N SER D 65 -31.39 10.34 6.71
CA SER D 65 -30.74 9.67 7.84
C SER D 65 -30.90 8.17 7.65
N GLY D 66 -30.29 7.42 8.56
CA GLY D 66 -30.28 5.98 8.47
C GLY D 66 -30.30 5.35 9.84
N SER D 67 -30.56 4.05 9.86
CA SER D 67 -30.43 3.26 11.06
C SER D 67 -30.17 1.83 10.62
N LYS D 68 -29.79 0.98 11.57
CA LYS D 68 -29.49 -0.38 11.19
C LYS D 68 -29.87 -1.28 12.34
N SER D 69 -30.46 -2.43 12.03
CA SER D 69 -30.78 -3.43 13.03
C SER D 69 -30.36 -4.78 12.46
N GLY D 70 -29.26 -5.33 12.96
CA GLY D 70 -28.80 -6.63 12.48
C GLY D 70 -28.48 -6.60 11.00
N ASN D 71 -29.10 -7.50 10.24
CA ASN D 71 -28.78 -7.64 8.82
C ASN D 71 -29.52 -6.64 7.94
N THR D 72 -30.26 -5.69 8.50
CA THR D 72 -31.05 -4.76 7.71
C THR D 72 -30.68 -3.34 8.06
N ALA D 73 -30.31 -2.56 7.06
CA ALA D 73 -30.10 -1.13 7.19
C ALA D 73 -31.29 -0.39 6.59
N SER D 74 -31.46 0.85 7.03
CA SER D 74 -32.61 1.63 6.63
C SER D 74 -32.17 3.04 6.24
N LEU D 75 -32.73 3.52 5.15
CA LEU D 75 -32.68 4.93 4.77
C LEU D 75 -33.99 5.56 5.19
N ILE D 76 -33.90 6.67 5.92
CA ILE D 76 -35.04 7.38 6.45
C ILE D 76 -34.99 8.79 5.87
N ILE D 77 -36.01 9.17 5.11
CA ILE D 77 -36.08 10.48 4.50
C ILE D 77 -37.19 11.23 5.21
N SER D 78 -36.84 12.24 5.99
CA SER D 78 -37.86 13.10 6.56
C SER D 78 -38.13 14.27 5.62
N GLY D 79 -39.29 14.90 5.79
CA GLY D 79 -39.61 16.07 4.98
C GLY D 79 -39.45 15.86 3.48
N LEU D 80 -40.06 14.80 2.96
CA LEU D 80 -39.89 14.42 1.56
C LEU D 80 -40.11 15.61 0.63
N GLN D 81 -39.24 15.75 -0.38
CA GLN D 81 -39.33 16.84 -1.33
C GLN D 81 -39.39 16.27 -2.75
N ALA D 82 -39.92 17.09 -3.67
CA ALA D 82 -40.10 16.65 -5.05
C ALA D 82 -38.78 16.14 -5.64
N GLU D 83 -37.69 16.84 -5.34
CA GLU D 83 -36.38 16.46 -5.87
C GLU D 83 -35.89 15.11 -5.37
N ASP D 84 -36.52 14.54 -4.35
CA ASP D 84 -36.08 13.25 -3.83
C ASP D 84 -36.57 12.10 -4.68
N GLU D 85 -37.46 12.36 -5.64
CA GLU D 85 -37.90 11.32 -6.55
C GLU D 85 -36.71 10.81 -7.33
N ALA D 86 -36.36 9.54 -7.12
CA ALA D 86 -35.11 8.99 -7.63
C ALA D 86 -35.07 7.51 -7.27
N ASP D 87 -34.07 6.81 -7.80
CA ASP D 87 -33.77 5.47 -7.34
C ASP D 87 -32.74 5.55 -6.23
N TYR D 88 -32.89 4.70 -5.22
CA TYR D 88 -31.98 4.71 -4.09
C TYR D 88 -31.34 3.33 -3.98
N TYR D 89 -30.03 3.33 -3.78
CA TYR D 89 -29.23 2.10 -3.68
C TYR D 89 -28.53 2.11 -2.35
N CYS D 90 -28.74 1.06 -1.56
CA CYS D 90 -27.84 0.86 -0.45
C CYS D 90 -26.60 0.10 -0.93
N SER D 91 -25.57 0.14 -0.11
CA SER D 91 -24.35 -0.61 -0.41
C SER D 91 -23.72 -0.94 0.93
N SER D 92 -23.16 -2.12 1.02
CA SER D 92 -22.55 -2.53 2.27
C SER D 92 -21.16 -3.05 2.01
N TYR D 93 -20.27 -2.80 2.96
CA TYR D 93 -18.99 -3.47 2.96
C TYR D 93 -19.25 -4.97 3.08
N ALA D 94 -18.42 -5.77 2.43
CA ALA D 94 -18.60 -7.21 2.48
C ALA D 94 -17.32 -7.93 2.92
N GLY D 95 -16.37 -7.19 3.47
CA GLY D 95 -15.11 -7.81 3.88
C GLY D 95 -14.09 -7.72 2.76
N SER D 96 -12.82 -7.66 3.17
CA SER D 96 -11.70 -7.74 2.22
C SER D 96 -11.79 -6.65 1.16
N TYR D 97 -12.22 -5.46 1.57
CA TYR D 97 -12.22 -4.24 0.77
C TYR D 97 -13.21 -4.30 -0.40
N ILE D 98 -14.19 -5.21 -0.30
CA ILE D 98 -15.24 -5.41 -1.29
C ILE D 98 -16.53 -4.81 -0.77
N TRP D 99 -17.29 -4.20 -1.66
CA TRP D 99 -18.63 -3.70 -1.39
C TRP D 99 -19.64 -4.41 -2.28
N VAL D 100 -20.89 -4.41 -1.85
CA VAL D 100 -22.00 -4.93 -2.64
C VAL D 100 -23.17 -3.95 -2.53
N PHE D 101 -23.83 -3.70 -3.66
CA PHE D 101 -25.04 -2.88 -3.71
C PHE D 101 -26.31 -3.68 -3.50
N GLY D 102 -27.32 -3.02 -2.97
CA GLY D 102 -28.68 -3.52 -3.02
C GLY D 102 -29.26 -3.36 -4.41
N GLY D 103 -30.43 -3.97 -4.62
CA GLY D 103 -31.04 -3.97 -5.92
C GLY D 103 -31.73 -2.68 -6.32
N GLY D 104 -31.88 -1.74 -5.40
CA GLY D 104 -32.44 -0.46 -5.76
C GLY D 104 -33.92 -0.35 -5.47
N THR D 105 -34.34 0.86 -5.11
CA THR D 105 -35.72 1.17 -4.78
C THR D 105 -36.11 2.44 -5.53
N GLN D 106 -37.17 2.38 -6.30
CA GLN D 106 -37.68 3.56 -6.98
C GLN D 106 -38.58 4.32 -6.02
N LEU D 107 -38.21 5.55 -5.72
CA LEU D 107 -39.00 6.42 -4.85
C LEU D 107 -39.81 7.36 -5.72
N THR D 108 -41.12 7.35 -5.54
CA THR D 108 -42.02 8.28 -6.22
C THR D 108 -42.49 9.33 -5.22
N VAL D 109 -42.39 10.60 -5.61
CA VAL D 109 -42.95 11.69 -4.84
C VAL D 109 -44.25 12.05 -5.52
N LEU D 110 -45.37 11.75 -4.86
CA LEU D 110 -46.65 11.98 -5.50
C LEU D 110 -46.71 13.48 -5.77
N GLY D 111 -46.70 13.83 -7.06
CA GLY D 111 -46.57 15.20 -7.47
C GLY D 111 -47.67 15.79 -8.33
N GLN D 112 -48.72 15.04 -8.62
CA GLN D 112 -49.79 15.54 -9.46
C GLN D 112 -51.01 14.66 -9.25
N PRO D 113 -52.20 15.12 -9.65
CA PRO D 113 -53.41 14.31 -9.49
C PRO D 113 -53.30 12.99 -10.24
N LYS D 114 -53.97 11.98 -9.70
CA LYS D 114 -54.06 10.72 -10.42
C LYS D 114 -54.70 10.95 -11.78
N ALA D 115 -54.16 10.30 -12.79
CA ALA D 115 -54.70 10.36 -14.14
C ALA D 115 -54.75 8.94 -14.67
N ALA D 116 -55.92 8.54 -15.19
CA ALA D 116 -56.05 7.20 -15.73
C ALA D 116 -55.43 7.13 -17.13
N PRO D 117 -54.88 5.97 -17.50
CA PRO D 117 -54.21 5.86 -18.79
C PRO D 117 -55.19 5.91 -19.95
N SER D 118 -54.76 6.56 -21.04
CA SER D 118 -55.37 6.37 -22.34
C SER D 118 -54.68 5.18 -22.99
N VAL D 119 -55.47 4.23 -23.50
CA VAL D 119 -54.95 3.01 -24.06
C VAL D 119 -55.38 2.95 -25.52
N THR D 120 -54.41 2.74 -26.41
CA THR D 120 -54.68 2.54 -27.83
C THR D 120 -54.00 1.25 -28.24
N LEU D 121 -54.78 0.32 -28.81
CA LEU D 121 -54.28 -0.97 -29.21
C LEU D 121 -54.30 -1.02 -30.73
N PHE D 122 -53.10 -1.11 -31.33
CA PHE D 122 -53.00 -1.17 -32.78
C PHE D 122 -52.89 -2.62 -33.23
N PRO D 123 -53.70 -3.07 -34.18
CA PRO D 123 -53.51 -4.41 -34.74
C PRO D 123 -52.25 -4.44 -35.60
N PRO D 124 -51.81 -5.62 -36.05
CA PRO D 124 -50.70 -5.66 -37.00
C PRO D 124 -51.09 -4.94 -38.28
N SER D 125 -50.14 -4.16 -38.82
CA SER D 125 -50.37 -3.48 -40.08
C SER D 125 -50.41 -4.48 -41.23
N SER D 126 -51.08 -4.10 -42.32
CA SER D 126 -51.07 -4.96 -43.49
C SER D 126 -49.66 -5.11 -44.03
N GLU D 127 -48.84 -4.06 -43.92
CA GLU D 127 -47.45 -4.17 -44.36
C GLU D 127 -46.70 -5.23 -43.56
N GLU D 128 -46.88 -5.24 -42.23
CA GLU D 128 -46.20 -6.25 -41.43
C GLU D 128 -46.72 -7.65 -41.74
N LEU D 129 -48.03 -7.79 -41.91
CA LEU D 129 -48.58 -9.10 -42.26
C LEU D 129 -48.06 -9.58 -43.61
N GLN D 130 -47.92 -8.65 -44.58
CA GLN D 130 -47.41 -9.04 -45.89
C GLN D 130 -45.98 -9.53 -45.79
N ALA D 131 -45.23 -9.07 -44.80
CA ALA D 131 -43.91 -9.60 -44.47
C ALA D 131 -43.99 -10.80 -43.53
N ASN D 132 -45.19 -11.38 -43.37
CA ASN D 132 -45.39 -12.60 -42.60
C ASN D 132 -44.97 -12.45 -41.13
N LYS D 133 -45.23 -11.28 -40.57
CA LYS D 133 -45.03 -11.05 -39.14
C LYS D 133 -46.26 -10.32 -38.60
N ALA D 134 -46.39 -10.28 -37.28
CA ALA D 134 -47.55 -9.64 -36.69
C ALA D 134 -47.17 -9.13 -35.31
N THR D 135 -47.38 -7.84 -35.07
CA THR D 135 -47.11 -7.26 -33.77
C THR D 135 -48.33 -6.48 -33.36
N LEU D 136 -48.91 -6.84 -32.22
CA LEU D 136 -49.91 -5.99 -31.58
C LEU D 136 -49.18 -4.95 -30.75
N VAL D 137 -49.60 -3.70 -30.85
CA VAL D 137 -48.89 -2.61 -30.19
C VAL D 137 -49.89 -1.92 -29.26
N CYS D 138 -49.65 -2.03 -27.96
CA CYS D 138 -50.51 -1.43 -26.95
C CYS D 138 -49.77 -0.22 -26.42
N LEU D 139 -50.25 0.96 -26.75
CA LEU D 139 -49.63 2.21 -26.32
C LEU D 139 -50.49 2.81 -25.23
N ILE D 140 -49.85 3.21 -24.14
CA ILE D 140 -50.51 3.61 -22.90
C ILE D 140 -49.93 4.98 -22.56
N SER D 141 -50.80 5.98 -22.39
CA SER D 141 -50.29 7.33 -22.25
C SER D 141 -51.08 8.11 -21.21
N ASP D 142 -50.45 9.19 -20.71
CA ASP D 142 -51.12 10.21 -19.93
C ASP D 142 -51.63 9.68 -18.59
N PHE D 143 -50.87 8.77 -17.97
CA PHE D 143 -51.26 8.26 -16.67
C PHE D 143 -50.32 8.77 -15.59
N TYR D 144 -50.86 8.84 -14.37
CA TYR D 144 -50.09 9.21 -13.20
C TYR D 144 -50.75 8.56 -12.00
N PRO D 145 -49.98 7.95 -11.07
CA PRO D 145 -48.51 7.84 -11.08
C PRO D 145 -48.01 6.92 -12.19
N GLY D 146 -46.70 6.91 -12.39
CA GLY D 146 -46.11 6.20 -13.51
C GLY D 146 -45.86 4.73 -13.23
N ALA D 147 -46.94 3.98 -13.02
CA ALA D 147 -46.85 2.55 -12.77
C ALA D 147 -48.10 1.88 -13.28
N VAL D 148 -47.93 0.88 -14.15
CA VAL D 148 -49.03 0.10 -14.69
C VAL D 148 -48.58 -1.35 -14.77
N THR D 149 -49.54 -2.25 -14.80
CA THR D 149 -49.31 -3.62 -15.20
C THR D 149 -50.16 -3.89 -16.44
N VAL D 150 -49.61 -4.66 -17.36
CA VAL D 150 -50.23 -4.92 -18.65
C VAL D 150 -50.44 -6.43 -18.76
N ALA D 151 -51.65 -6.83 -19.10
CA ALA D 151 -51.97 -8.22 -19.32
C ALA D 151 -52.57 -8.34 -20.71
N TRP D 152 -52.11 -9.34 -21.45
CA TRP D 152 -52.61 -9.61 -22.79
C TRP D 152 -53.55 -10.81 -22.76
N LYS D 153 -54.62 -10.72 -23.55
CA LYS D 153 -55.59 -11.77 -23.69
C LYS D 153 -55.75 -12.10 -25.16
N ALA D 154 -55.83 -13.40 -25.47
CA ALA D 154 -56.16 -13.89 -26.79
C ALA D 154 -57.54 -14.51 -26.66
N ASP D 155 -58.51 -13.97 -27.39
CA ASP D 155 -59.92 -14.14 -27.07
C ASP D 155 -60.12 -13.70 -25.62
N SER D 156 -59.98 -14.61 -24.66
CA SER D 156 -60.06 -14.20 -23.26
C SER D 156 -59.08 -14.97 -22.40
N SER D 157 -58.16 -15.70 -23.00
CA SER D 157 -57.15 -16.51 -22.35
C SER D 157 -55.87 -15.71 -22.20
N PRO D 158 -55.22 -15.79 -21.05
CA PRO D 158 -54.01 -14.99 -20.83
C PRO D 158 -52.90 -15.43 -21.77
N VAL D 159 -52.20 -14.45 -22.30
CA VAL D 159 -51.02 -14.66 -23.13
C VAL D 159 -49.81 -14.15 -22.38
N LYS D 160 -48.79 -14.99 -22.27
CA LYS D 160 -47.50 -14.58 -21.73
C LYS D 160 -46.40 -14.58 -22.78
N ALA D 161 -46.43 -15.56 -23.69
CA ALA D 161 -45.36 -15.68 -24.68
C ALA D 161 -45.45 -14.54 -25.68
N GLY D 162 -44.28 -14.01 -26.03
CA GLY D 162 -44.17 -12.99 -27.05
C GLY D 162 -44.52 -11.59 -26.62
N VAL D 163 -44.61 -11.31 -25.32
CA VAL D 163 -44.90 -9.93 -24.90
C VAL D 163 -43.63 -9.29 -24.36
N GLU D 164 -43.41 -8.05 -24.78
CA GLU D 164 -42.39 -7.17 -24.22
C GLU D 164 -43.08 -5.89 -23.80
N THR D 165 -42.71 -5.38 -22.63
CA THR D 165 -43.37 -4.19 -22.10
C THR D 165 -42.29 -3.24 -21.59
N THR D 166 -42.42 -1.96 -21.93
CA THR D 166 -41.46 -0.98 -21.46
C THR D 166 -41.86 -0.50 -20.08
N THR D 167 -40.85 -0.05 -19.35
CA THR D 167 -41.06 0.64 -18.10
C THR D 167 -41.64 2.02 -18.40
N PRO D 168 -42.58 2.51 -17.58
CA PRO D 168 -43.19 3.81 -17.87
C PRO D 168 -42.14 4.90 -18.07
N SER D 169 -42.34 5.69 -19.12
CA SER D 169 -41.44 6.75 -19.51
C SER D 169 -42.17 8.08 -19.40
N LYS D 170 -41.47 9.08 -18.89
CA LYS D 170 -42.09 10.38 -18.67
C LYS D 170 -42.34 11.07 -20.01
N GLN D 171 -43.55 11.59 -20.18
CA GLN D 171 -43.86 12.37 -21.36
C GLN D 171 -43.47 13.83 -21.13
N SER D 172 -43.60 14.63 -22.18
CA SER D 172 -43.32 16.06 -22.06
C SER D 172 -44.25 16.74 -21.06
N ASN D 173 -45.50 16.28 -20.94
CA ASN D 173 -46.45 16.88 -20.01
C ASN D 173 -46.33 16.36 -18.58
N ASN D 174 -45.28 15.58 -18.28
CA ASN D 174 -44.95 15.05 -16.96
C ASN D 174 -45.92 13.98 -16.48
N LYS D 175 -46.87 13.55 -17.32
CA LYS D 175 -47.52 12.27 -17.08
C LYS D 175 -46.66 11.18 -17.69
N TYR D 176 -47.09 9.93 -17.54
CA TYR D 176 -46.28 8.81 -17.98
C TYR D 176 -46.94 8.07 -19.13
N ALA D 177 -46.10 7.38 -19.89
CA ALA D 177 -46.50 6.55 -20.99
C ALA D 177 -45.82 5.20 -20.86
N ALA D 178 -46.42 4.18 -21.45
CA ALA D 178 -45.75 2.90 -21.50
C ALA D 178 -46.21 2.20 -22.76
N SER D 179 -45.47 1.18 -23.15
CA SER D 179 -45.82 0.44 -24.35
C SER D 179 -45.68 -1.04 -24.06
N SER D 180 -46.51 -1.82 -24.74
CA SER D 180 -46.41 -3.26 -24.65
C SER D 180 -46.64 -3.84 -26.03
N TYR D 181 -45.90 -4.88 -26.34
CA TYR D 181 -45.96 -5.50 -27.65
C TYR D 181 -46.31 -6.97 -27.48
N LEU D 182 -47.19 -7.46 -28.33
CA LEU D 182 -47.44 -8.89 -28.42
C LEU D 182 -47.00 -9.33 -29.81
N SER D 183 -45.89 -10.04 -29.88
CA SER D 183 -45.38 -10.53 -31.15
C SER D 183 -46.01 -11.88 -31.45
N LEU D 184 -46.59 -12.01 -32.63
CA LEU D 184 -47.32 -13.20 -33.03
C LEU D 184 -46.98 -13.54 -34.46
N THR D 185 -47.19 -14.81 -34.82
CA THR D 185 -47.20 -15.17 -36.23
C THR D 185 -48.54 -14.77 -36.82
N PRO D 186 -48.60 -14.59 -38.14
CA PRO D 186 -49.91 -14.35 -38.77
C PRO D 186 -50.94 -15.43 -38.45
N GLU D 187 -50.52 -16.69 -38.38
CA GLU D 187 -51.46 -17.76 -38.06
C GLU D 187 -52.04 -17.61 -36.65
N GLN D 188 -51.17 -17.31 -35.68
CA GLN D 188 -51.66 -17.09 -34.31
C GLN D 188 -52.64 -15.91 -34.28
N TRP D 189 -52.30 -14.84 -34.99
CA TRP D 189 -53.16 -13.66 -35.05
C TRP D 189 -54.54 -14.03 -35.59
N LYS D 190 -54.57 -14.77 -36.71
CA LYS D 190 -55.84 -15.10 -37.34
C LYS D 190 -56.60 -16.19 -36.60
N SER D 191 -55.96 -16.92 -35.68
CA SER D 191 -56.61 -18.03 -35.01
C SER D 191 -57.46 -17.61 -33.83
N HIS D 192 -57.46 -16.33 -33.46
CA HIS D 192 -58.29 -15.87 -32.37
C HIS D 192 -59.32 -14.86 -32.87
N ARG D 193 -60.49 -14.87 -32.22
CA ARG D 193 -61.54 -13.91 -32.56
C ARG D 193 -61.08 -12.49 -32.23
N SER D 194 -60.36 -12.32 -31.13
CA SER D 194 -59.90 -11.00 -30.75
C SER D 194 -58.68 -11.12 -29.84
N TYR D 195 -58.03 -9.99 -29.65
CA TYR D 195 -56.96 -9.84 -28.69
C TYR D 195 -57.23 -8.61 -27.87
N SER D 196 -56.82 -8.65 -26.61
CA SER D 196 -57.06 -7.53 -25.71
C SER D 196 -55.80 -7.16 -24.97
N CYS D 197 -55.59 -5.87 -24.81
CA CYS D 197 -54.56 -5.31 -23.95
C CYS D 197 -55.27 -4.73 -22.74
N GLN D 198 -54.94 -5.23 -21.56
CA GLN D 198 -55.59 -4.82 -20.31
C GLN D 198 -54.56 -4.10 -19.46
N VAL D 199 -54.82 -2.84 -19.15
CA VAL D 199 -53.88 -1.98 -18.45
C VAL D 199 -54.46 -1.71 -17.07
N THR D 200 -53.76 -2.16 -16.04
CA THR D 200 -54.19 -1.93 -14.67
C THR D 200 -53.36 -0.79 -14.09
N HIS D 201 -54.06 0.22 -13.57
CA HIS D 201 -53.43 1.42 -13.05
C HIS D 201 -54.18 1.83 -11.80
N GLU D 202 -53.47 1.88 -10.67
CA GLU D 202 -54.04 2.30 -9.40
C GLU D 202 -55.31 1.52 -9.08
N GLY D 203 -55.25 0.20 -9.31
CA GLY D 203 -56.34 -0.70 -8.96
C GLY D 203 -57.49 -0.76 -9.94
N SER D 204 -57.46 0.01 -11.02
CA SER D 204 -58.52 0.02 -12.02
C SER D 204 -57.97 -0.42 -13.36
N THR D 205 -58.74 -1.24 -14.08
CA THR D 205 -58.29 -1.82 -15.34
C THR D 205 -59.00 -1.17 -16.52
N VAL D 206 -58.21 -0.76 -17.51
CA VAL D 206 -58.69 -0.26 -18.79
C VAL D 206 -58.30 -1.27 -19.85
N GLU D 207 -59.22 -1.54 -20.78
CA GLU D 207 -59.01 -2.59 -21.76
C GLU D 207 -59.32 -2.09 -23.16
N LYS D 208 -58.50 -2.49 -24.13
CA LYS D 208 -58.79 -2.27 -25.54
C LYS D 208 -58.65 -3.60 -26.26
N THR D 209 -59.48 -3.79 -27.29
CA THR D 209 -59.48 -5.05 -28.01
C THR D 209 -59.44 -4.80 -29.52
N VAL D 210 -58.82 -5.72 -30.25
CA VAL D 210 -58.78 -5.70 -31.69
C VAL D 210 -59.12 -7.08 -32.20
N ALA D 211 -59.66 -7.14 -33.42
CA ALA D 211 -60.04 -8.40 -34.02
C ALA D 211 -59.45 -8.50 -35.42
N PRO D 212 -58.97 -9.68 -35.81
CA PRO D 212 -58.45 -9.85 -37.18
C PRO D 212 -59.48 -9.52 -38.24
N THR D 213 -60.75 -9.85 -38.02
CA THR D 213 -61.78 -9.64 -39.02
C THR D 213 -62.46 -8.27 -38.92
N GLU D 214 -62.25 -7.53 -37.84
CA GLU D 214 -62.89 -6.22 -37.68
C GLU D 214 -61.97 -5.08 -38.09
N GLN E 1 19.99 11.76 9.99
CA GLN E 1 21.29 11.39 9.47
C GLN E 1 22.40 11.63 10.49
N SER E 2 22.07 11.48 11.78
CA SER E 2 23.05 11.73 12.82
C SER E 2 23.97 10.52 12.99
N VAL E 3 25.23 10.81 13.33
CA VAL E 3 26.24 9.80 13.60
C VAL E 3 26.34 9.55 15.09
N LEU E 4 26.43 8.27 15.49
CA LEU E 4 26.79 7.89 16.86
C LEU E 4 28.28 7.61 16.90
N THR E 5 29.04 8.46 17.59
CA THR E 5 30.48 8.36 17.57
C THR E 5 30.96 7.52 18.74
N GLN E 6 31.73 6.48 18.43
CA GLN E 6 32.42 5.65 19.39
C GLN E 6 33.93 5.78 19.21
N PRO E 7 34.72 5.53 20.25
CA PRO E 7 36.17 5.47 20.06
C PRO E 7 36.53 4.33 19.12
N ALA E 8 37.51 4.58 18.24
CA ALA E 8 37.90 3.55 17.29
C ALA E 8 38.33 2.28 18.01
N SER E 9 38.99 2.43 19.16
CA SER E 9 39.50 1.27 19.85
C SER E 9 39.63 1.60 21.34
N VAL E 10 39.52 0.55 22.14
CA VAL E 10 39.78 0.63 23.57
C VAL E 10 40.46 -0.68 23.93
N SER E 11 41.28 -0.64 24.96
CA SER E 11 41.99 -1.83 25.36
C SER E 11 41.99 -1.91 26.88
N GLY E 12 42.17 -3.11 27.38
CA GLY E 12 42.34 -3.29 28.81
C GLY E 12 43.02 -4.61 29.05
N SER E 13 43.50 -4.78 30.25
CA SER E 13 44.07 -6.06 30.62
C SER E 13 42.98 -6.95 31.17
N PRO E 14 43.15 -8.27 31.09
CA PRO E 14 42.17 -9.18 31.68
C PRO E 14 41.88 -8.80 33.12
N GLY E 15 40.60 -8.72 33.45
CA GLY E 15 40.18 -8.42 34.80
C GLY E 15 39.84 -6.96 35.05
N GLN E 16 40.28 -6.06 34.17
CA GLN E 16 39.95 -4.65 34.32
C GLN E 16 38.54 -4.38 33.83
N SER E 17 38.04 -3.19 34.18
CA SER E 17 36.84 -2.65 33.57
C SER E 17 37.22 -1.68 32.48
N ILE E 18 36.51 -1.75 31.36
CA ILE E 18 36.69 -0.78 30.30
C ILE E 18 35.32 -0.20 29.96
N THR E 19 35.33 1.00 29.43
CA THR E 19 34.09 1.67 29.05
C THR E 19 34.22 2.16 27.63
N ILE E 20 33.11 2.11 26.90
CA ILE E 20 33.01 2.52 25.52
C ILE E 20 31.91 3.56 25.48
N SER E 21 32.23 4.75 24.97
CA SER E 21 31.23 5.79 24.89
C SER E 21 30.56 5.76 23.52
N CYS E 22 29.38 6.36 23.46
CA CYS E 22 28.60 6.43 22.23
C CYS E 22 27.86 7.76 22.28
N THR E 23 28.35 8.75 21.55
CA THR E 23 27.86 10.12 21.65
C THR E 23 27.02 10.48 20.43
N GLY E 24 26.02 11.31 20.67
CA GLY E 24 25.17 11.82 19.62
C GLY E 24 23.79 11.22 19.56
N ILE E 25 23.34 10.58 20.62
CA ILE E 25 22.02 9.94 20.61
C ILE E 25 20.95 11.00 20.78
N SER E 26 19.88 10.87 19.98
CA SER E 26 18.69 11.68 20.12
C SER E 26 17.50 10.76 20.32
N SER E 27 16.45 11.29 20.92
CA SER E 27 15.22 10.54 21.13
C SER E 27 14.03 11.45 20.87
N ASP E 28 12.89 10.82 20.66
CA ASP E 28 11.62 11.53 20.49
C ASP E 28 10.74 11.10 21.64
N VAL E 29 10.49 12.01 22.59
CA VAL E 29 9.75 11.62 23.78
C VAL E 29 8.33 11.23 23.40
N GLY E 30 7.84 11.69 22.25
CA GLY E 30 6.56 11.33 21.70
C GLY E 30 6.50 10.02 20.95
N GLY E 31 7.62 9.32 20.75
CA GLY E 31 7.61 8.11 19.94
C GLY E 31 8.20 6.92 20.67
N TYR E 32 8.67 5.91 19.93
CA TYR E 32 9.38 4.81 20.56
C TYR E 32 10.87 5.01 20.39
N ASN E 33 11.63 4.58 21.41
CA ASN E 33 13.07 4.72 21.34
C ASN E 33 13.74 3.54 22.02
N SER E 34 14.98 3.29 21.62
CA SER E 34 15.81 2.35 22.37
C SER E 34 17.27 2.67 22.11
N VAL E 35 18.12 2.20 23.02
CA VAL E 35 19.56 2.22 22.82
C VAL E 35 20.04 0.81 23.04
N SER E 36 20.86 0.31 22.12
CA SER E 36 21.30 -1.07 22.10
C SER E 36 22.81 -1.09 22.02
N TRP E 37 23.40 -2.21 22.46
CA TRP E 37 24.80 -2.48 22.21
C TRP E 37 24.93 -3.88 21.62
N TYR E 38 25.80 -4.00 20.61
CA TYR E 38 26.01 -5.26 19.91
C TYR E 38 27.48 -5.63 20.01
N GLN E 39 27.72 -6.92 20.14
CA GLN E 39 29.06 -7.48 20.10
C GLN E 39 29.18 -8.28 18.82
N GLN E 40 30.32 -8.15 18.14
CA GLN E 40 30.52 -8.90 16.91
C GLN E 40 31.92 -9.50 16.89
N HIS E 41 31.99 -10.81 16.83
CA HIS E 41 33.23 -11.53 16.65
C HIS E 41 33.52 -11.73 15.17
N PRO E 42 34.79 -11.94 14.82
CA PRO E 42 35.15 -12.12 13.40
C PRO E 42 34.35 -13.23 12.75
N GLY E 43 33.75 -12.92 11.61
CA GLY E 43 33.01 -13.87 10.83
C GLY E 43 31.62 -14.20 11.35
N LYS E 44 31.16 -13.54 12.41
CA LYS E 44 29.87 -13.84 13.00
C LYS E 44 28.93 -12.65 12.91
N ALA E 45 27.64 -12.94 12.99
CA ALA E 45 26.64 -11.88 13.03
C ALA E 45 26.74 -11.12 14.34
N PRO E 46 26.33 -9.85 14.35
CA PRO E 46 26.28 -9.11 15.61
C PRO E 46 25.37 -9.81 16.61
N LYS E 47 25.70 -9.63 17.88
CA LYS E 47 24.96 -10.23 18.98
C LYS E 47 24.49 -9.11 19.87
N LEU E 48 23.19 -9.08 20.16
CA LEU E 48 22.64 -8.07 21.05
C LEU E 48 23.10 -8.34 22.48
N MET E 49 23.81 -7.38 23.09
CA MET E 49 24.34 -7.52 24.44
C MET E 49 23.58 -6.69 25.46
N ILE E 50 23.16 -5.50 25.06
CA ILE E 50 22.43 -4.59 25.92
C ILE E 50 21.28 -4.09 25.08
N TYR E 51 20.08 -4.08 25.65
CA TYR E 51 18.92 -3.56 24.95
C TYR E 51 18.16 -2.64 25.89
N ASP E 52 17.41 -1.71 25.29
CA ASP E 52 16.64 -0.73 26.05
C ASP E 52 17.54 -0.05 27.10
N VAL E 53 18.72 0.35 26.63
CA VAL E 53 19.75 1.14 27.33
C VAL E 53 20.54 0.33 28.37
N THR E 54 19.85 -0.44 29.23
CA THR E 54 20.49 -1.03 30.41
C THR E 54 20.24 -2.51 30.59
N ASN E 55 19.44 -3.15 29.74
CA ASN E 55 18.99 -4.50 30.00
C ASN E 55 19.81 -5.51 29.23
N ARG E 56 19.95 -6.70 29.81
CA ARG E 56 20.74 -7.77 29.23
C ARG E 56 19.83 -8.91 28.82
N PRO E 57 19.98 -9.46 27.62
CA PRO E 57 19.27 -10.71 27.30
C PRO E 57 19.76 -11.83 28.20
N SER E 58 18.92 -12.85 28.33
CA SER E 58 19.32 -14.03 29.09
C SER E 58 20.57 -14.62 28.46
N GLY E 59 21.51 -15.02 29.30
CA GLY E 59 22.75 -15.59 28.82
C GLY E 59 23.86 -14.60 28.55
N VAL E 60 23.57 -13.30 28.55
CA VAL E 60 24.62 -12.30 28.42
C VAL E 60 25.18 -12.03 29.80
N SER E 61 26.50 -12.10 29.93
CA SER E 61 27.13 -11.96 31.25
C SER E 61 26.79 -10.63 31.89
N ASN E 62 26.61 -10.64 33.21
CA ASN E 62 26.38 -9.37 33.88
C ASN E 62 27.65 -8.53 34.03
N ARG E 63 28.77 -8.99 33.47
CA ARG E 63 29.93 -8.11 33.28
C ARG E 63 29.65 -6.99 32.29
N PHE E 64 28.65 -7.16 31.43
CA PHE E 64 28.27 -6.13 30.48
C PHE E 64 27.16 -5.29 31.09
N SER E 65 27.34 -3.98 31.09
CA SER E 65 26.26 -3.12 31.55
C SER E 65 26.23 -1.89 30.65
N GLY E 66 25.08 -1.23 30.64
CA GLY E 66 24.90 -0.09 29.79
C GLY E 66 24.28 1.02 30.62
N SER E 67 24.52 2.25 30.17
CA SER E 67 23.95 3.41 30.82
C SER E 67 23.86 4.51 29.77
N LYS E 68 23.21 5.60 30.14
CA LYS E 68 23.04 6.72 29.24
C LYS E 68 22.99 7.99 30.07
N SER E 69 23.72 9.01 29.63
CA SER E 69 23.75 10.32 30.28
C SER E 69 23.66 11.36 29.18
N GLY E 70 22.57 12.12 29.15
CA GLY E 70 22.38 13.09 28.09
C GLY E 70 22.32 12.37 26.76
N ASN E 71 23.13 12.83 25.80
CA ASN E 71 23.17 12.23 24.48
C ASN E 71 24.22 11.13 24.34
N THR E 72 24.77 10.63 25.44
CA THR E 72 25.88 9.69 25.39
C THR E 72 25.51 8.39 26.11
N ALA E 73 25.63 7.27 25.39
CA ALA E 73 25.47 5.97 26.02
C ALA E 73 26.84 5.38 26.29
N SER E 74 26.90 4.51 27.28
CA SER E 74 28.16 3.88 27.65
C SER E 74 27.93 2.40 27.89
N LEU E 75 28.83 1.61 27.33
CA LEU E 75 28.94 0.19 27.65
C LEU E 75 30.14 0.01 28.57
N THR E 76 29.92 -0.60 29.73
CA THR E 76 31.01 -0.97 30.61
C THR E 76 31.13 -2.48 30.61
N ILE E 77 32.36 -2.96 30.46
CA ILE E 77 32.68 -4.38 30.52
C ILE E 77 33.61 -4.54 31.71
N SER E 78 33.12 -5.17 32.77
CA SER E 78 33.97 -5.49 33.91
C SER E 78 34.55 -6.89 33.75
N GLY E 79 35.57 -7.18 34.54
CA GLY E 79 36.23 -8.48 34.51
C GLY E 79 36.62 -8.88 33.10
N LEU E 80 37.23 -7.95 32.36
CA LEU E 80 37.51 -8.12 30.94
C LEU E 80 38.27 -9.43 30.70
N GLN E 81 37.84 -10.19 29.70
CA GLN E 81 38.52 -11.45 29.41
C GLN E 81 38.66 -11.62 27.90
N ALA E 82 39.52 -12.56 27.51
CA ALA E 82 39.85 -12.77 26.10
C ALA E 82 38.61 -12.92 25.25
N GLU E 83 37.59 -13.60 25.78
CA GLU E 83 36.33 -13.79 25.07
CA GLU E 83 36.32 -13.79 25.08
C GLU E 83 35.67 -12.48 24.65
N ASP E 84 35.98 -11.38 25.33
CA ASP E 84 35.39 -10.08 25.02
C ASP E 84 36.06 -9.35 23.88
N GLU E 85 37.22 -9.83 23.42
CA GLU E 85 37.91 -9.19 22.31
C GLU E 85 37.05 -9.32 21.07
N ALA E 86 36.55 -8.20 20.58
CA ALA E 86 35.52 -8.18 19.55
C ALA E 86 35.27 -6.73 19.21
N ASP E 87 34.45 -6.50 18.18
CA ASP E 87 33.95 -5.17 17.86
C ASP E 87 32.62 -4.95 18.56
N TYR E 88 32.41 -3.73 19.03
CA TYR E 88 31.18 -3.36 19.74
C TYR E 88 30.54 -2.18 19.03
N TYR E 89 29.23 -2.27 18.83
CA TYR E 89 28.46 -1.23 18.14
C TYR E 89 27.36 -0.79 19.07
N CYS E 90 27.31 0.51 19.35
CA CYS E 90 26.09 1.03 19.93
C CYS E 90 25.07 1.27 18.83
N SER E 91 23.83 1.46 19.24
CA SER E 91 22.78 1.72 18.27
C SER E 91 21.68 2.49 18.95
N SER E 92 21.04 3.36 18.18
CA SER E 92 19.90 4.11 18.68
C SER E 92 18.73 3.81 17.77
N TYR E 93 17.56 3.74 18.35
CA TYR E 93 16.29 3.61 17.64
C TYR E 93 15.37 4.73 18.07
N THR E 94 14.77 5.40 17.08
CA THR E 94 13.68 6.33 17.33
C THR E 94 12.68 6.14 16.22
N SER E 95 11.45 5.75 16.59
CA SER E 95 10.46 5.34 15.59
C SER E 95 10.19 6.42 14.56
N SER E 96 10.21 7.68 14.98
CA SER E 96 9.85 8.81 14.13
C SER E 96 11.04 9.38 13.35
N SER E 97 12.25 8.89 13.55
CA SER E 97 13.41 9.50 12.95
C SER E 97 13.69 8.91 11.57
N THR E 98 14.36 9.69 10.74
CA THR E 98 14.83 9.27 9.43
C THR E 98 16.35 9.39 9.42
N PRO E 99 17.10 8.28 9.55
CA PRO E 99 16.62 6.91 9.67
C PRO E 99 16.16 6.58 11.08
N PRO E 100 15.24 5.63 11.23
CA PRO E 100 14.83 5.23 12.58
C PRO E 100 15.94 4.53 13.35
N TYR E 101 16.80 3.76 12.68
CA TYR E 101 17.90 3.07 13.34
C TYR E 101 19.23 3.64 12.88
N VAL E 102 20.19 3.73 13.81
CA VAL E 102 21.56 4.09 13.48
C VAL E 102 22.49 3.19 14.28
N PHE E 103 23.50 2.64 13.61
CA PHE E 103 24.57 1.97 14.34
C PHE E 103 25.70 2.97 14.56
N GLY E 104 26.35 2.88 15.71
CA GLY E 104 27.52 3.68 15.96
C GLY E 104 28.72 3.27 15.14
N THR E 105 29.76 4.09 15.19
CA THR E 105 30.91 3.91 14.31
C THR E 105 31.72 2.67 14.66
N GLY E 106 31.52 2.11 15.84
CA GLY E 106 32.13 0.84 16.20
C GLY E 106 33.43 1.01 16.97
N THR E 107 33.66 0.08 17.90
CA THR E 107 34.85 0.08 18.75
C THR E 107 35.48 -1.30 18.75
N LYS E 108 36.76 -1.37 18.43
CA LYS E 108 37.53 -2.58 18.56
C LYS E 108 38.04 -2.66 20.00
N VAL E 109 37.65 -3.71 20.72
CA VAL E 109 38.14 -3.94 22.08
C VAL E 109 39.30 -4.92 21.99
N SER E 110 40.46 -4.53 22.52
CA SER E 110 41.60 -5.42 22.62
C SER E 110 41.78 -5.82 24.08
N VAL E 111 42.00 -7.10 24.31
CA VAL E 111 42.33 -7.62 25.64
C VAL E 111 43.82 -7.90 25.66
N LEU E 112 44.55 -7.06 26.38
CA LEU E 112 46.02 -7.01 26.35
C LEU E 112 46.65 -8.28 26.93
N GLY E 113 47.51 -8.94 26.15
CA GLY E 113 48.17 -10.15 26.62
C GLY E 113 49.68 -9.95 26.75
N GLN E 114 50.13 -8.73 26.48
CA GLN E 114 51.55 -8.38 26.58
C GLN E 114 51.63 -6.86 26.69
N PRO E 115 52.81 -6.33 27.04
CA PRO E 115 52.93 -4.87 27.12
C PRO E 115 52.55 -4.20 25.81
N LYS E 116 51.99 -3.00 25.92
CA LYS E 116 51.76 -2.18 24.73
C LYS E 116 53.09 -1.88 24.06
N ALA E 117 53.08 -1.86 22.73
CA ALA E 117 54.26 -1.52 21.96
C ALA E 117 53.85 -0.54 20.87
N ALA E 118 54.61 0.55 20.73
CA ALA E 118 54.27 1.57 19.74
C ALA E 118 54.71 1.13 18.35
N PRO E 119 53.98 1.54 17.32
CA PRO E 119 54.35 1.13 15.95
C PRO E 119 55.63 1.79 15.48
N SER E 120 56.43 1.03 14.75
CA SER E 120 57.47 1.57 13.89
C SER E 120 56.85 1.90 12.55
N VAL E 121 57.13 3.09 12.04
CA VAL E 121 56.55 3.56 10.79
C VAL E 121 57.69 3.82 9.81
N THR E 122 57.59 3.23 8.62
CA THR E 122 58.52 3.50 7.52
C THR E 122 57.70 3.88 6.30
N LEU E 123 57.96 5.09 5.78
CA LEU E 123 57.20 5.63 4.65
C LEU E 123 58.13 5.80 3.46
N PHE E 124 57.90 5.03 2.39
CA PHE E 124 58.68 5.12 1.16
C PHE E 124 57.95 6.04 0.17
N PRO E 125 58.67 6.96 -0.48
CA PRO E 125 58.05 7.75 -1.54
C PRO E 125 57.82 6.90 -2.77
N PRO E 126 57.08 7.41 -3.77
CA PRO E 126 56.96 6.68 -5.03
C PRO E 126 58.29 6.57 -5.74
N SER E 127 58.57 5.39 -6.29
CA SER E 127 59.80 5.18 -7.02
C SER E 127 59.80 5.95 -8.33
N SER E 128 61.01 6.26 -8.81
CA SER E 128 61.15 6.92 -10.11
C SER E 128 60.61 6.03 -11.22
N GLU E 129 60.78 4.71 -11.10
CA GLU E 129 60.25 3.79 -12.09
C GLU E 129 58.73 3.85 -12.16
N GLU E 130 58.07 3.87 -11.00
CA GLU E 130 56.60 3.90 -10.98
C GLU E 130 56.07 5.18 -11.59
N LEU E 131 56.73 6.31 -11.34
CA LEU E 131 56.31 7.58 -11.93
C LEU E 131 56.40 7.53 -13.45
N GLN E 132 57.39 6.82 -13.99
CA GLN E 132 57.52 6.70 -15.44
C GLN E 132 56.32 6.01 -16.07
N ALA E 133 55.63 5.15 -15.33
CA ALA E 133 54.40 4.53 -15.78
C ALA E 133 53.16 5.39 -15.50
N ASN E 134 53.36 6.67 -15.16
CA ASN E 134 52.27 7.63 -14.93
C ASN E 134 51.35 7.17 -13.80
N LYS E 135 51.95 6.56 -12.76
CA LYS E 135 51.24 6.21 -11.54
C LYS E 135 52.11 6.60 -10.34
N ALA E 136 51.48 6.62 -9.16
CA ALA E 136 52.18 7.00 -7.95
C ALA E 136 51.51 6.33 -6.76
N THR E 137 52.28 5.58 -5.99
CA THR E 137 51.79 4.92 -4.79
C THR E 137 52.73 5.20 -3.63
N LEU E 138 52.20 5.80 -2.57
CA LEU E 138 52.92 5.94 -1.30
C LEU E 138 52.71 4.67 -0.46
N VAL E 139 53.80 4.18 0.13
CA VAL E 139 53.81 2.92 0.85
C VAL E 139 54.18 3.19 2.29
N CYS E 140 53.21 3.04 3.19
CA CYS E 140 53.40 3.25 4.62
C CYS E 140 53.35 1.89 5.30
N LEU E 141 54.48 1.44 5.82
CA LEU E 141 54.59 0.13 6.46
C LEU E 141 54.65 0.32 7.96
N ILE E 142 53.84 -0.44 8.69
CA ILE E 142 53.61 -0.25 10.11
C ILE E 142 53.89 -1.59 10.79
N SER E 143 54.80 -1.58 11.76
CA SER E 143 55.26 -2.84 12.32
C SER E 143 55.47 -2.73 13.83
N ASP E 144 55.44 -3.90 14.46
CA ASP E 144 55.88 -4.10 15.85
C ASP E 144 54.99 -3.35 16.85
N PHE E 145 53.69 -3.27 16.58
CA PHE E 145 52.80 -2.62 17.52
C PHE E 145 51.95 -3.67 18.23
N TYR E 146 51.52 -3.31 19.45
CA TYR E 146 50.68 -4.20 20.23
C TYR E 146 49.86 -3.30 21.14
N PRO E 147 48.53 -3.51 21.24
CA PRO E 147 47.72 -4.52 20.55
C PRO E 147 47.51 -4.24 19.07
N GLY E 148 46.89 -5.19 18.37
CA GLY E 148 46.74 -5.11 16.94
C GLY E 148 45.58 -4.24 16.48
N ALA E 149 45.67 -2.95 16.78
CA ALA E 149 44.65 -2.00 16.36
C ALA E 149 45.34 -0.66 16.13
N VAL E 150 45.19 -0.10 14.94
CA VAL E 150 45.74 1.20 14.59
C VAL E 150 44.73 1.93 13.74
N THR E 151 44.84 3.26 13.73
CA THR E 151 44.17 4.11 12.76
C THR E 151 45.22 4.84 11.95
N VAL E 152 44.99 4.95 10.64
CA VAL E 152 45.94 5.55 9.71
C VAL E 152 45.29 6.77 9.06
N ALA E 153 46.00 7.90 9.11
CA ALA E 153 45.56 9.12 8.46
C ALA E 153 46.68 9.64 7.58
N TRP E 154 46.35 10.06 6.38
CA TRP E 154 47.30 10.65 5.44
C TRP E 154 47.10 12.16 5.37
N LYS E 155 48.20 12.90 5.37
CA LYS E 155 48.16 14.36 5.25
C LYS E 155 49.12 14.82 4.16
N ALA E 156 48.65 15.74 3.31
CA ALA E 156 49.49 16.37 2.31
C ALA E 156 49.62 17.86 2.61
N ASP E 157 50.86 18.29 2.89
CA ASP E 157 51.12 19.64 3.42
C ASP E 157 50.18 19.96 4.59
N SER E 158 50.05 19.01 5.50
CA SER E 158 49.24 19.08 6.72
C SER E 158 47.75 19.11 6.42
N SER E 159 47.34 18.91 5.16
CA SER E 159 45.92 18.84 4.81
C SER E 159 45.49 17.39 4.72
N PRO E 160 44.35 17.00 5.29
CA PRO E 160 43.97 15.58 5.28
C PRO E 160 43.63 15.09 3.88
N VAL E 161 44.07 13.86 3.58
CA VAL E 161 43.76 13.17 2.34
C VAL E 161 42.90 11.96 2.69
N LYS E 162 41.77 11.81 1.99
CA LYS E 162 40.90 10.66 2.19
C LYS E 162 40.82 9.74 0.97
N ALA E 163 40.80 10.29 -0.23
CA ALA E 163 40.64 9.49 -1.43
C ALA E 163 41.88 8.66 -1.72
N GLY E 164 41.68 7.43 -2.18
CA GLY E 164 42.79 6.62 -2.65
C GLY E 164 43.60 5.91 -1.59
N VAL E 165 43.06 5.75 -0.39
CA VAL E 165 43.78 5.09 0.69
C VAL E 165 43.26 3.67 0.81
N GLU E 166 44.17 2.71 0.89
CA GLU E 166 43.86 1.33 1.19
C GLU E 166 44.72 0.90 2.37
N THR E 167 44.12 0.25 3.35
CA THR E 167 44.82 -0.11 4.58
C THR E 167 44.47 -1.54 4.97
N THR E 168 45.49 -2.31 5.37
CA THR E 168 45.29 -3.69 5.75
C THR E 168 44.85 -3.82 7.21
N THR E 169 44.21 -4.95 7.50
CA THR E 169 43.98 -5.34 8.89
C THR E 169 45.31 -5.77 9.53
N PRO E 170 45.54 -5.44 10.80
CA PRO E 170 46.79 -5.88 11.45
C PRO E 170 46.95 -7.40 11.42
N SER E 171 48.18 -7.84 11.12
CA SER E 171 48.52 -9.25 11.10
C SER E 171 49.63 -9.51 12.10
N LYS E 172 49.55 -10.65 12.80
CA LYS E 172 50.56 -10.98 13.80
C LYS E 172 51.88 -11.33 13.12
N GLN E 173 52.98 -10.74 13.61
CA GLN E 173 54.32 -11.03 13.13
C GLN E 173 54.90 -12.23 13.88
N SER E 174 56.09 -12.65 13.45
CA SER E 174 56.78 -13.75 14.11
C SER E 174 57.12 -13.41 15.57
N ASN E 175 57.41 -12.14 15.87
CA ASN E 175 57.66 -11.75 17.25
C ASN E 175 56.38 -11.52 18.05
N ASN E 176 55.22 -11.83 17.48
CA ASN E 176 53.90 -11.78 18.12
C ASN E 176 53.40 -10.37 18.42
N LYS E 177 54.10 -9.35 17.94
CA LYS E 177 53.49 -8.04 17.75
C LYS E 177 52.80 -8.03 16.38
N TYR E 178 52.20 -6.90 16.02
CA TYR E 178 51.39 -6.83 14.82
C TYR E 178 51.99 -5.89 13.78
N ALA E 179 51.62 -6.12 12.53
CA ALA E 179 52.02 -5.29 11.42
C ALA E 179 50.79 -4.92 10.59
N ALA E 180 50.89 -3.78 9.91
CA ALA E 180 49.87 -3.35 8.97
C ALA E 180 50.54 -2.51 7.90
N SER E 181 49.84 -2.33 6.79
CA SER E 181 50.35 -1.53 5.70
C SER E 181 49.23 -0.64 5.19
N SER E 182 49.61 0.54 4.68
CA SER E 182 48.66 1.47 4.11
C SER E 182 49.26 2.05 2.84
N TYR E 183 48.42 2.21 1.82
CA TYR E 183 48.84 2.73 0.53
C TYR E 183 47.99 3.94 0.17
N LEU E 184 48.65 4.96 -0.36
CA LEU E 184 47.97 6.14 -0.91
C LEU E 184 48.25 6.18 -2.40
N SER E 185 47.24 5.89 -3.21
CA SER E 185 47.37 5.93 -4.66
C SER E 185 47.07 7.35 -5.14
N LEU E 186 47.99 7.92 -5.90
CA LEU E 186 47.88 9.30 -6.36
C LEU E 186 48.32 9.38 -7.81
N THR E 187 47.90 10.45 -8.47
CA THR E 187 48.45 10.76 -9.79
C THR E 187 49.84 11.36 -9.65
N PRO E 188 50.68 11.23 -10.68
CA PRO E 188 52.00 11.87 -10.63
C PRO E 188 51.94 13.36 -10.38
N GLU E 189 50.97 14.05 -10.98
CA GLU E 189 50.83 15.49 -10.77
C GLU E 189 50.51 15.79 -9.31
N GLN E 190 49.62 15.00 -8.71
CA GLN E 190 49.26 15.20 -7.30
C GLN E 190 50.48 15.07 -6.39
N TRP E 191 51.35 14.10 -6.68
CA TRP E 191 52.57 13.94 -5.89
C TRP E 191 53.43 15.19 -5.92
N LYS E 192 53.68 15.74 -7.12
CA LYS E 192 54.52 16.91 -7.26
C LYS E 192 53.82 18.21 -6.88
N SER E 193 52.49 18.21 -6.77
CA SER E 193 51.73 19.43 -6.53
C SER E 193 51.63 19.81 -5.05
N HIS E 194 52.12 18.98 -4.13
CA HIS E 194 52.08 19.28 -2.71
C HIS E 194 53.50 19.35 -2.15
N ARG E 195 53.66 20.18 -1.12
CA ARG E 195 54.97 20.39 -0.52
C ARG E 195 55.52 19.11 0.11
N SER E 196 54.67 18.35 0.79
CA SER E 196 55.12 17.12 1.43
C SER E 196 53.93 16.21 1.65
N TYR E 197 54.21 14.95 1.98
CA TYR E 197 53.20 13.99 2.36
C TYR E 197 53.63 13.32 3.66
N SER E 198 52.65 13.00 4.51
CA SER E 198 52.91 12.40 5.80
C SER E 198 51.94 11.26 6.04
N CYS E 199 52.45 10.17 6.62
CA CYS E 199 51.64 9.05 7.07
C CYS E 199 51.59 9.11 8.60
N GLN E 200 50.37 9.21 9.14
CA GLN E 200 50.16 9.36 10.57
C GLN E 200 49.45 8.13 11.11
N VAL E 201 50.09 7.42 12.03
CA VAL E 201 49.58 6.18 12.58
C VAL E 201 49.25 6.41 14.05
N THR E 202 47.98 6.29 14.40
CA THR E 202 47.53 6.43 15.78
C THR E 202 47.36 5.06 16.40
N HIS E 203 48.00 4.85 17.55
CA HIS E 203 47.98 3.57 18.25
C HIS E 203 47.93 3.85 19.74
N GLU E 204 46.89 3.35 20.41
CA GLU E 204 46.75 3.49 21.86
C GLU E 204 46.89 4.94 22.31
N GLY E 205 46.25 5.85 21.57
CA GLY E 205 46.24 7.24 21.95
C GLY E 205 47.47 8.05 21.60
N SER E 206 48.49 7.44 20.99
CA SER E 206 49.71 8.14 20.58
C SER E 206 49.88 8.02 19.06
N THR E 207 50.34 9.11 18.46
CA THR E 207 50.48 9.20 17.00
C THR E 207 51.96 9.14 16.63
N VAL E 208 52.29 8.29 15.65
CA VAL E 208 53.62 8.25 15.05
C VAL E 208 53.50 8.70 13.60
N GLU E 209 54.43 9.56 13.16
CA GLU E 209 54.35 10.18 11.84
C GLU E 209 55.68 10.09 11.12
N LYS E 210 55.61 9.86 9.81
CA LYS E 210 56.75 9.96 8.91
C LYS E 210 56.38 10.82 7.71
N THR E 211 57.38 11.51 7.16
CA THR E 211 57.19 12.44 6.06
C THR E 211 58.19 12.11 4.95
N VAL E 212 57.78 12.40 3.71
CA VAL E 212 58.62 12.15 2.55
C VAL E 212 58.68 13.41 1.70
N ALA E 213 59.76 13.53 0.92
CA ALA E 213 60.03 14.70 0.10
C ALA E 213 60.31 14.29 -1.35
N PRO E 214 59.84 15.06 -2.33
CA PRO E 214 60.11 14.71 -3.73
C PRO E 214 61.58 14.57 -4.08
N THR E 215 62.44 15.44 -3.55
CA THR E 215 63.86 15.40 -3.90
C THR E 215 64.70 16.09 -2.84
#